data_1U9G
# 
_entry.id   1U9G 
# 
_audit_conform.dict_name       mmcif_pdbx.dic 
_audit_conform.dict_version    5.403 
_audit_conform.dict_location   http://mmcif.pdb.org/dictionaries/ascii/mmcif_pdbx.dic 
# 
loop_
_database_2.database_id 
_database_2.database_code 
_database_2.pdbx_database_accession 
_database_2.pdbx_DOI 
PDB   1U9G         pdb_00001u9g 10.2210/pdb1u9g/pdb 
RCSB  RCSB023410   ?            ?                   
WWPDB D_1000023410 ?            ?                   
# 
loop_
_pdbx_audit_revision_history.ordinal 
_pdbx_audit_revision_history.data_content_type 
_pdbx_audit_revision_history.major_revision 
_pdbx_audit_revision_history.minor_revision 
_pdbx_audit_revision_history.revision_date 
_pdbx_audit_revision_history.part_number 
1 'Structure model' 1 0 2004-11-30 ? 
2 'Structure model' 1 1 2008-04-30 ? 
3 'Structure model' 1 2 2011-07-13 ? 
4 'Structure model' 1 3 2025-03-26 ? 
# 
_pdbx_audit_revision_details.ordinal             1 
_pdbx_audit_revision_details.revision_ordinal    1 
_pdbx_audit_revision_details.data_content_type   'Structure model' 
_pdbx_audit_revision_details.provider            repository 
_pdbx_audit_revision_details.type                'Initial release' 
_pdbx_audit_revision_details.description         ? 
_pdbx_audit_revision_details.details             ? 
# 
loop_
_pdbx_audit_revision_group.ordinal 
_pdbx_audit_revision_group.revision_ordinal 
_pdbx_audit_revision_group.data_content_type 
_pdbx_audit_revision_group.group 
1 2 'Structure model' 'Version format compliance' 
2 3 'Structure model' 'Derived calculations'      
3 3 'Structure model' 'Version format compliance' 
4 4 'Structure model' 'Data collection'           
5 4 'Structure model' 'Database references'       
6 4 'Structure model' 'Derived calculations'      
7 4 'Structure model' 'Structure summary'         
# 
loop_
_pdbx_audit_revision_category.ordinal 
_pdbx_audit_revision_category.revision_ordinal 
_pdbx_audit_revision_category.data_content_type 
_pdbx_audit_revision_category.category 
1 4 'Structure model' chem_comp_atom            
2 4 'Structure model' chem_comp_bond            
3 4 'Structure model' database_2                
4 4 'Structure model' pdbx_entry_details        
5 4 'Structure model' pdbx_modification_feature 
6 4 'Structure model' struct_conn               
7 4 'Structure model' struct_site               
# 
loop_
_pdbx_audit_revision_item.ordinal 
_pdbx_audit_revision_item.revision_ordinal 
_pdbx_audit_revision_item.data_content_type 
_pdbx_audit_revision_item.item 
1 4 'Structure model' '_database_2.pdbx_DOI'                
2 4 'Structure model' '_database_2.pdbx_database_accession' 
3 4 'Structure model' '_struct_conn.pdbx_leaving_atom_flag' 
4 4 'Structure model' '_struct_site.pdbx_auth_asym_id'      
5 4 'Structure model' '_struct_site.pdbx_auth_comp_id'      
6 4 'Structure model' '_struct_site.pdbx_auth_seq_id'       
# 
_pdbx_database_status.status_code                     REL 
_pdbx_database_status.entry_id                        1U9G 
_pdbx_database_status.recvd_initial_deposition_date   2004-08-09 
_pdbx_database_status.deposit_site                    RCSB 
_pdbx_database_status.process_site                    RCSB 
_pdbx_database_status.status_code_sf                  REL 
_pdbx_database_status.SG_entry                        . 
_pdbx_database_status.pdb_format_compatible           Y 
_pdbx_database_status.status_code_mr                  ? 
_pdbx_database_status.status_code_cs                  ? 
_pdbx_database_status.status_code_nmr_data            ? 
_pdbx_database_status.methods_development_category    ? 
# 
loop_
_pdbx_database_related.db_name 
_pdbx_database_related.db_id 
_pdbx_database_related.details 
_pdbx_database_related.content_type 
PDB 1U9F . unspecified 
PDB 1U9H . unspecified 
# 
loop_
_audit_author.name 
_audit_author.pdbx_ordinal 
'Horne, W.S.'   1 
'Yadav, M.K.'   2 
'Stout, C.D.'   3 
'Ghadiri, M.R.' 4 
# 
_citation.id                        primary 
_citation.title                     'Heterocyclic peptide backbone modifications in an alpha-helical coiled coil.' 
_citation.journal_abbrev            J.Am.Chem.Soc. 
_citation.journal_volume            126 
_citation.page_first                15366 
_citation.page_last                 15367 
_citation.year                      2004 
_citation.journal_id_ASTM           JACSAT 
_citation.country                   US 
_citation.journal_id_ISSN           0002-7863 
_citation.journal_id_CSD            0004 
_citation.book_publisher            ? 
_citation.pdbx_database_id_PubMed   15563148 
_citation.pdbx_database_id_DOI      10.1021/ja0450408 
# 
loop_
_citation_author.citation_id 
_citation_author.name 
_citation_author.ordinal 
_citation_author.identifier_ORCID 
primary 'Horne, W.S.'   1 ? 
primary 'Yadav, M.K.'   2 ? 
primary 'Stout, C.D.'   3 ? 
primary 'Ghadiri, M.R.' 4 ? 
# 
loop_
_entity.id 
_entity.type 
_entity.src_method 
_entity.pdbx_description 
_entity.formula_weight 
_entity.pdbx_number_of_molecules 
_entity.pdbx_ec 
_entity.pdbx_mutation 
_entity.pdbx_fragment 
_entity.details 
1 polymer     syn 'General control protein GCN4' 3998.696 2  ? '(TA4)9L, D8K' ? ? 
2 non-polymer syn 'SULFATE ION'                  96.063   1  ? ?              ? ? 
3 water       nat water                          18.015   19 ? ?              ? ? 
# 
_entity_name_com.entity_id   1 
_entity_name_com.name        'Amino acid biosynthesis regulatory protein' 
# 
_entity_poly.entity_id                      1 
_entity_poly.type                           'polypeptide(L)' 
_entity_poly.nstd_linkage                   no 
_entity_poly.nstd_monomer                   yes 
_entity_poly.pdbx_seq_one_letter_code       'RMKQIED(TA4)EEILSKLYHIENELARIKKLLGER' 
_entity_poly.pdbx_seq_one_letter_code_can   RMKQIEDXEEILSKLYHIENELARIKKLLGER 
_entity_poly.pdbx_strand_id                 A,B 
_entity_poly.pdbx_target_identifier         ? 
# 
loop_
_pdbx_entity_nonpoly.entity_id 
_pdbx_entity_nonpoly.name 
_pdbx_entity_nonpoly.comp_id 
2 'SULFATE ION' SO4 
3 water         HOH 
# 
loop_
_entity_poly_seq.entity_id 
_entity_poly_seq.num 
_entity_poly_seq.mon_id 
_entity_poly_seq.hetero 
1 1  ARG n 
1 2  MET n 
1 3  LYS n 
1 4  GLN n 
1 5  ILE n 
1 6  GLU n 
1 7  ASP n 
1 8  TA4 n 
1 9  GLU n 
1 10 GLU n 
1 11 ILE n 
1 12 LEU n 
1 13 SER n 
1 14 LYS n 
1 15 LEU n 
1 16 TYR n 
1 17 HIS n 
1 18 ILE n 
1 19 GLU n 
1 20 ASN n 
1 21 GLU n 
1 22 LEU n 
1 23 ALA n 
1 24 ARG n 
1 25 ILE n 
1 26 LYS n 
1 27 LYS n 
1 28 LEU n 
1 29 LEU n 
1 30 GLY n 
1 31 GLU n 
1 32 ARG n 
# 
_pdbx_entity_src_syn.entity_id              1 
_pdbx_entity_src_syn.pdbx_src_id            1 
_pdbx_entity_src_syn.pdbx_alt_source_flag   sample 
_pdbx_entity_src_syn.pdbx_beg_seq_num       ? 
_pdbx_entity_src_syn.pdbx_end_seq_num       ? 
_pdbx_entity_src_syn.organism_scientific    ? 
_pdbx_entity_src_syn.organism_common_name   ? 
_pdbx_entity_src_syn.ncbi_taxonomy_id       ? 
_pdbx_entity_src_syn.details                
;Prepared by Fmoc solid phase peptide synthesis.The sequence of this protein can be found naturally in Saccharomyces cerevisiae (Baker's yeast).
;
# 
loop_
_chem_comp.id 
_chem_comp.type 
_chem_comp.mon_nstd_flag 
_chem_comp.name 
_chem_comp.pdbx_synonyms 
_chem_comp.formula 
_chem_comp.formula_weight 
ALA 'L-peptide linking' y ALANINE                                                                ? 'C3 H7 N O2'     89.093  
ARG 'L-peptide linking' y ARGININE                                                               ? 'C6 H15 N4 O2 1' 175.209 
ASN 'L-peptide linking' y ASPARAGINE                                                             ? 'C4 H8 N2 O3'    132.118 
ASP 'L-peptide linking' y 'ASPARTIC ACID'                                                        ? 'C4 H7 N O4'     133.103 
GLN 'L-peptide linking' y GLUTAMINE                                                              ? 'C5 H10 N2 O3'   146.144 
GLU 'L-peptide linking' y 'GLUTAMIC ACID'                                                        ? 'C5 H9 N O4'     147.129 
GLY 'peptide linking'   y GLYCINE                                                                ? 'C2 H5 N O2'     75.067  
HIS 'L-peptide linking' y HISTIDINE                                                              ? 'C6 H10 N3 O2 1' 156.162 
HOH non-polymer         . WATER                                                                  ? 'H2 O'           18.015  
ILE 'L-peptide linking' y ISOLEUCINE                                                             ? 'C6 H13 N O2'    131.173 
LEU 'L-peptide linking' y LEUCINE                                                                ? 'C6 H13 N O2'    131.173 
LYS 'L-peptide linking' y LYSINE                                                                 ? 'C6 H15 N2 O2 1' 147.195 
MET 'L-peptide linking' y METHIONINE                                                             ? 'C5 H11 N O2 S'  149.211 
SER 'L-peptide linking' y SERINE                                                                 ? 'C3 H7 N O3'     105.093 
SO4 non-polymer         . 'SULFATE ION'                                                          ? 'O4 S -2'        96.063  
TA4 'L-peptide linking' . '(S)-2-[4-(AMINOMETHYL)-1H-1,2,3-TRIAZOL-1-YL]-4-METHYLPENTANOIC ACID' ? 'C9 H16 N4 O2'   212.249 
TYR 'L-peptide linking' y TYROSINE                                                               ? 'C9 H11 N O3'    181.189 
# 
loop_
_pdbx_poly_seq_scheme.asym_id 
_pdbx_poly_seq_scheme.entity_id 
_pdbx_poly_seq_scheme.seq_id 
_pdbx_poly_seq_scheme.mon_id 
_pdbx_poly_seq_scheme.ndb_seq_num 
_pdbx_poly_seq_scheme.pdb_seq_num 
_pdbx_poly_seq_scheme.auth_seq_num 
_pdbx_poly_seq_scheme.pdb_mon_id 
_pdbx_poly_seq_scheme.auth_mon_id 
_pdbx_poly_seq_scheme.pdb_strand_id 
_pdbx_poly_seq_scheme.pdb_ins_code 
_pdbx_poly_seq_scheme.hetero 
A 1 1  ARG 1  2  ?  ?   ?   A . n 
A 1 2  MET 2  3  ?  ?   ?   A . n 
A 1 3  LYS 3  4  ?  ?   ?   A . n 
A 1 4  GLN 4  5  ?  ?   ?   A . n 
A 1 5  ILE 5  6  ?  ?   ?   A . n 
A 1 6  GLU 6  7  ?  ?   ?   A . n 
A 1 7  ASP 7  8  ?  ?   ?   A . n 
A 1 8  TA4 8  9  9  TA4 TRL A . n 
A 1 9  GLU 9  10 10 GLU GLU A . n 
A 1 10 GLU 10 11 11 GLU GLU A . n 
A 1 11 ILE 11 12 12 ILE ILE A . n 
A 1 12 LEU 12 13 13 LEU LEU A . n 
A 1 13 SER 13 14 14 SER SER A . n 
A 1 14 LYS 14 15 15 LYS LYS A . n 
A 1 15 LEU 15 16 16 LEU LEU A . n 
A 1 16 TYR 16 17 17 TYR TYR A . n 
A 1 17 HIS 17 18 18 HIS HIS A . n 
A 1 18 ILE 18 19 19 ILE ILE A . n 
A 1 19 GLU 19 20 20 GLU GLU A . n 
A 1 20 ASN 20 21 21 ASN ASN A . n 
A 1 21 GLU 21 22 22 GLU GLU A . n 
A 1 22 LEU 22 23 23 LEU LEU A . n 
A 1 23 ALA 23 24 24 ALA ALA A . n 
A 1 24 ARG 24 25 25 ARG ARG A . n 
A 1 25 ILE 25 26 26 ILE ILE A . n 
A 1 26 LYS 26 27 27 LYS LYS A . n 
A 1 27 LYS 27 28 28 LYS LYS A . n 
A 1 28 LEU 28 29 29 LEU LEU A . n 
A 1 29 LEU 29 30 30 LEU LEU A . n 
A 1 30 GLY 30 31 ?  ?   ?   A . n 
A 1 31 GLU 31 32 ?  ?   ?   A . n 
A 1 32 ARG 32 33 ?  ?   ?   A . n 
B 1 1  ARG 1  2  ?  ?   ?   B . n 
B 1 2  MET 2  3  ?  ?   ?   B . n 
B 1 3  LYS 3  4  ?  ?   ?   B . n 
B 1 4  GLN 4  5  ?  ?   ?   B . n 
B 1 5  ILE 5  6  ?  ?   ?   B . n 
B 1 6  GLU 6  7  ?  ?   ?   B . n 
B 1 7  ASP 7  8  ?  ?   ?   B . n 
B 1 8  TA4 8  9  9  TA4 TRL B . n 
B 1 9  GLU 9  10 10 GLU GLU B . n 
B 1 10 GLU 10 11 11 GLU GLU B . n 
B 1 11 ILE 11 12 12 ILE ILE B . n 
B 1 12 LEU 12 13 13 LEU LEU B . n 
B 1 13 SER 13 14 14 SER SER B . n 
B 1 14 LYS 14 15 15 LYS LYS B . n 
B 1 15 LEU 15 16 16 LEU LEU B . n 
B 1 16 TYR 16 17 17 TYR TYR B . n 
B 1 17 HIS 17 18 18 HIS HIS B . n 
B 1 18 ILE 18 19 19 ILE ILE B . n 
B 1 19 GLU 19 20 20 GLU GLU B . n 
B 1 20 ASN 20 21 21 ASN ASN B . n 
B 1 21 GLU 21 22 22 GLU GLU B . n 
B 1 22 LEU 22 23 23 LEU LEU B . n 
B 1 23 ALA 23 24 24 ALA ALA B . n 
B 1 24 ARG 24 25 25 ARG ARG B . n 
B 1 25 ILE 25 26 26 ILE ILE B . n 
B 1 26 LYS 26 27 27 LYS LYS B . n 
B 1 27 LYS 27 28 28 LYS LYS B . n 
B 1 28 LEU 28 29 29 LEU LEU B . n 
B 1 29 LEU 29 30 30 LEU LEU B . n 
B 1 30 GLY 30 31 ?  ?   ?   B . n 
B 1 31 GLU 31 32 ?  ?   ?   B . n 
B 1 32 ARG 32 33 ?  ?   ?   B . n 
# 
loop_
_pdbx_nonpoly_scheme.asym_id 
_pdbx_nonpoly_scheme.entity_id 
_pdbx_nonpoly_scheme.mon_id 
_pdbx_nonpoly_scheme.ndb_seq_num 
_pdbx_nonpoly_scheme.pdb_seq_num 
_pdbx_nonpoly_scheme.auth_seq_num 
_pdbx_nonpoly_scheme.pdb_mon_id 
_pdbx_nonpoly_scheme.auth_mon_id 
_pdbx_nonpoly_scheme.pdb_strand_id 
_pdbx_nonpoly_scheme.pdb_ins_code 
C 2 SO4 1  1  1  SO4 SO4 B . 
D 3 HOH 1  34 5  HOH HOH A . 
D 3 HOH 2  35 7  HOH HOH A . 
D 3 HOH 3  36 8  HOH HOH A . 
D 3 HOH 4  37 11 HOH HOH A . 
D 3 HOH 5  38 16 HOH HOH A . 
D 3 HOH 6  39 27 HOH HOH A . 
D 3 HOH 7  40 29 HOH HOH A . 
D 3 HOH 8  41 32 HOH HOH A . 
D 3 HOH 9  42 39 HOH HOH A . 
E 3 HOH 1  34 3  HOH HOH B . 
E 3 HOH 2  35 4  HOH HOH B . 
E 3 HOH 3  36 9  HOH HOH B . 
E 3 HOH 4  37 14 HOH HOH B . 
E 3 HOH 5  38 21 HOH HOH B . 
E 3 HOH 6  39 34 HOH HOH B . 
E 3 HOH 7  40 36 HOH HOH B . 
E 3 HOH 8  41 37 HOH HOH B . 
E 3 HOH 9  42 38 HOH HOH B . 
E 3 HOH 10 43 40 HOH HOH B . 
# 
loop_
_pdbx_unobs_or_zero_occ_atoms.id 
_pdbx_unobs_or_zero_occ_atoms.PDB_model_num 
_pdbx_unobs_or_zero_occ_atoms.polymer_flag 
_pdbx_unobs_or_zero_occ_atoms.occupancy_flag 
_pdbx_unobs_or_zero_occ_atoms.auth_asym_id 
_pdbx_unobs_or_zero_occ_atoms.auth_comp_id 
_pdbx_unobs_or_zero_occ_atoms.auth_seq_id 
_pdbx_unobs_or_zero_occ_atoms.PDB_ins_code 
_pdbx_unobs_or_zero_occ_atoms.auth_atom_id 
_pdbx_unobs_or_zero_occ_atoms.label_alt_id 
_pdbx_unobs_or_zero_occ_atoms.label_asym_id 
_pdbx_unobs_or_zero_occ_atoms.label_comp_id 
_pdbx_unobs_or_zero_occ_atoms.label_seq_id 
_pdbx_unobs_or_zero_occ_atoms.label_atom_id 
1  1 Y 1 A ARG 25 ? CG  ? A ARG 24 CG  
2  1 Y 1 A ARG 25 ? CD  ? A ARG 24 CD  
3  1 Y 1 A ARG 25 ? NE  ? A ARG 24 NE  
4  1 Y 1 A ARG 25 ? CZ  ? A ARG 24 CZ  
5  1 Y 1 A ARG 25 ? NH1 ? A ARG 24 NH1 
6  1 Y 1 A ARG 25 ? NH2 ? A ARG 24 NH2 
7  1 Y 1 A LYS 27 ? CD  ? A LYS 26 CD  
8  1 Y 1 A LYS 27 ? CE  ? A LYS 26 CE  
9  1 Y 1 A LYS 27 ? NZ  ? A LYS 26 NZ  
10 1 Y 1 A LYS 28 ? CG  ? A LYS 27 CG  
11 1 Y 1 A LYS 28 ? CD  ? A LYS 27 CD  
12 1 Y 1 A LYS 28 ? CE  ? A LYS 27 CE  
13 1 Y 1 A LYS 28 ? NZ  ? A LYS 27 NZ  
14 1 Y 1 A LEU 29 ? CG  ? A LEU 28 CG  
15 1 Y 1 A LEU 29 ? CD1 ? A LEU 28 CD1 
16 1 Y 1 A LEU 29 ? CD2 ? A LEU 28 CD2 
17 1 Y 1 B LYS 27 ? CD  ? B LYS 26 CD  
18 1 Y 1 B LYS 27 ? CE  ? B LYS 26 CE  
19 1 Y 1 B LYS 27 ? NZ  ? B LYS 26 NZ  
20 1 Y 1 B LYS 28 ? CG  ? B LYS 27 CG  
21 1 Y 1 B LYS 28 ? CD  ? B LYS 27 CD  
22 1 Y 1 B LYS 28 ? CE  ? B LYS 27 CE  
23 1 Y 1 B LYS 28 ? NZ  ? B LYS 27 NZ  
# 
loop_
_software.name 
_software.classification 
_software.version 
_software.citation_id 
_software.pdbx_ordinal 
REFMAC       refinement       5.2.0003       ? 1 
CrystalClear 'data reduction' '(MSC/RIGAKU)' ? 2 
CrystalClear 'data scaling'   '(MSC/RIGAKU)' ? 3 
PHASER       phasing          .              ? 4 
# 
_cell.entry_id           1U9G 
_cell.length_a           78.228 
_cell.length_b           78.228 
_cell.length_c           78.228 
_cell.angle_alpha        90.00 
_cell.angle_beta         90.00 
_cell.angle_gamma        90.00 
_cell.Z_PDB              48 
_cell.pdbx_unique_axis   ? 
# 
_symmetry.entry_id                         1U9G 
_symmetry.space_group_name_H-M             'P 41 3 2' 
_symmetry.pdbx_full_space_group_name_H-M   ? 
_symmetry.cell_setting                     ? 
_symmetry.Int_Tables_number                213 
_symmetry.space_group_name_Hall            ? 
# 
_exptl.entry_id          1U9G 
_exptl.method            'X-RAY DIFFRACTION' 
_exptl.crystals_number   1 
# 
_exptl_crystal.id                    1 
_exptl_crystal.density_meas          ? 
_exptl_crystal.density_Matthews      2.48 
_exptl_crystal.density_percent_sol   50.38 
_exptl_crystal.description           ? 
_exptl_crystal.F_000                 ? 
_exptl_crystal.preparation           ? 
# 
_exptl_crystal_grow.crystal_id      1 
_exptl_crystal_grow.method          'VAPOR DIFFUSION, HANGING DROP' 
_exptl_crystal_grow.temp            295 
_exptl_crystal_grow.temp_details    ? 
_exptl_crystal_grow.pH              ? 
_exptl_crystal_grow.pdbx_details    
'0.4 M lithium sulfate monohydrate, 12% w/v PEG 8000, 20% v/v anhydrous glycerol, VAPOR DIFFUSION, HANGING DROP, temperature 295K' 
_exptl_crystal_grow.pdbx_pH_range   . 
# 
_diffrn.id                     1 
_diffrn.ambient_temp           100 
_diffrn.ambient_temp_details   ? 
_diffrn.crystal_id             1 
# 
_diffrn_detector.diffrn_id              1 
_diffrn_detector.detector               'IMAGE PLATE' 
_diffrn_detector.type                   'RIGAKU RAXIS IV' 
_diffrn_detector.pdbx_collection_date   2004-04-13 
_diffrn_detector.details                'osmic confocal mirrors' 
# 
_diffrn_radiation.diffrn_id                        1 
_diffrn_radiation.wavelength_id                    1 
_diffrn_radiation.pdbx_monochromatic_or_laue_m_l   M 
_diffrn_radiation.monochromator                    ? 
_diffrn_radiation.pdbx_diffrn_protocol             'SINGLE WAVELENGTH' 
_diffrn_radiation.pdbx_scattering_type             x-ray 
# 
_diffrn_radiation_wavelength.id           1 
_diffrn_radiation_wavelength.wavelength   1.5418 
_diffrn_radiation_wavelength.wt           1.0 
# 
_diffrn_source.diffrn_id                   1 
_diffrn_source.source                      'ROTATING ANODE' 
_diffrn_source.type                        'RIGAKU RU200' 
_diffrn_source.pdbx_synchrotron_site       ? 
_diffrn_source.pdbx_synchrotron_beamline   ? 
_diffrn_source.pdbx_wavelength             ? 
_diffrn_source.pdbx_wavelength_list        1.5418 
# 
_reflns.entry_id                     1U9G 
_reflns.observed_criterion_sigma_F   ? 
_reflns.observed_criterion_sigma_I   2.0 
_reflns.d_resolution_high            2.20 
_reflns.d_resolution_low             45.17 
_reflns.number_all                   ? 
_reflns.number_obs                   4526 
_reflns.percent_possible_obs         100.0 
_reflns.pdbx_Rmerge_I_obs            0.031 
_reflns.pdbx_Rsym_value              ? 
_reflns.pdbx_netI_over_sigmaI        11.0 
_reflns.B_iso_Wilson_estimate        ? 
_reflns.pdbx_redundancy              5.6 
_reflns.R_free_details               ? 
_reflns.limit_h_max                  ? 
_reflns.limit_h_min                  ? 
_reflns.limit_k_max                  ? 
_reflns.limit_k_min                  ? 
_reflns.limit_l_max                  ? 
_reflns.limit_l_min                  ? 
_reflns.observed_criterion_F_max     ? 
_reflns.observed_criterion_F_min     ? 
_reflns.pdbx_chi_squared             ? 
_reflns.pdbx_scaling_rejects         ? 
_reflns.pdbx_ordinal                 1 
_reflns.pdbx_diffrn_id               1 
# 
_reflns_shell.d_res_high             2.20 
_reflns_shell.d_res_low              2.28 
_reflns_shell.percent_possible_all   98.8 
_reflns_shell.Rmerge_I_obs           0.326 
_reflns_shell.pdbx_Rsym_value        ? 
_reflns_shell.meanI_over_sigI_obs    2.2 
_reflns_shell.pdbx_redundancy        ? 
_reflns_shell.percent_possible_obs   ? 
_reflns_shell.number_unique_all      ? 
_reflns_shell.number_measured_all    ? 
_reflns_shell.number_measured_obs    ? 
_reflns_shell.number_unique_obs      ? 
_reflns_shell.pdbx_chi_squared       ? 
_reflns_shell.pdbx_ordinal           1 
_reflns_shell.pdbx_diffrn_id         1 
# 
_refine.entry_id                                 1U9G 
_refine.ls_number_reflns_obs                     4295 
_refine.ls_number_reflns_all                     ? 
_refine.pdbx_ls_sigma_I                          ? 
_refine.pdbx_ls_sigma_F                          ? 
_refine.pdbx_data_cutoff_high_absF               ? 
_refine.pdbx_data_cutoff_low_absF                ? 
_refine.pdbx_data_cutoff_high_rms_absF           ? 
_refine.ls_d_res_low                             45.17 
_refine.ls_d_res_high                            2.20 
_refine.ls_percent_reflns_obs                    99.65 
_refine.ls_R_factor_obs                          0.24856 
_refine.ls_R_factor_all                          0.24856 
_refine.ls_R_factor_R_work                       0.24477 
_refine.ls_R_factor_R_free                       0.32575 
_refine.ls_R_factor_R_free_error                 ? 
_refine.ls_R_factor_R_free_error_details         ? 
_refine.ls_percent_reflns_R_free                 4.6 
_refine.ls_number_reflns_R_free                  208 
_refine.ls_number_parameters                     ? 
_refine.ls_number_restraints                     ? 
_refine.occupancy_min                            ? 
_refine.occupancy_max                            ? 
_refine.correlation_coeff_Fo_to_Fc               0.930 
_refine.correlation_coeff_Fo_to_Fc_free          0.882 
_refine.B_iso_mean                               46.590 
_refine.aniso_B[1][1]                            ? 
_refine.aniso_B[2][2]                            ? 
_refine.aniso_B[3][3]                            ? 
_refine.aniso_B[1][2]                            ? 
_refine.aniso_B[1][3]                            ? 
_refine.aniso_B[2][3]                            ? 
_refine.solvent_model_details                    MASK 
_refine.solvent_model_param_ksol                 ? 
_refine.solvent_model_param_bsol                 ? 
_refine.pdbx_solvent_vdw_probe_radii             1.20 
_refine.pdbx_solvent_ion_probe_radii             0.80 
_refine.pdbx_solvent_shrinkage_radii             0.80 
_refine.pdbx_ls_cross_valid_method               THROUGHOUT 
_refine.details                                  'HYDROGENS HAVE BEEN ADDED IN THE RIDING POSITIONS' 
_refine.pdbx_starting_model                      ? 
_refine.pdbx_method_to_determine_struct          'MOLECULAR REPLACEMENT' 
_refine.pdbx_isotropic_thermal_model             ? 
_refine.pdbx_stereochemistry_target_values       'MAXIMUM LIKELIHOOD' 
_refine.pdbx_stereochem_target_val_spec_case     ? 
_refine.pdbx_R_Free_selection_details            RANDOM 
_refine.pdbx_overall_ESU_R                       0.206 
_refine.pdbx_overall_ESU_R_Free                  0.219 
_refine.overall_SU_ML                            0.162 
_refine.overall_SU_B                             6.689 
_refine.ls_redundancy_reflns_obs                 ? 
_refine.B_iso_min                                ? 
_refine.B_iso_max                                ? 
_refine.overall_SU_R_Cruickshank_DPI             ? 
_refine.overall_SU_R_free                        ? 
_refine.ls_wR_factor_R_free                      ? 
_refine.ls_wR_factor_R_work                      ? 
_refine.overall_FOM_free_R_set                   ? 
_refine.overall_FOM_work_R_set                   ? 
_refine.pdbx_refine_id                           'X-RAY DIFFRACTION' 
_refine.pdbx_diffrn_id                           1 
_refine.pdbx_TLS_residual_ADP_flag               ? 
_refine.pdbx_overall_phase_error                 ? 
_refine.pdbx_overall_SU_R_free_Cruickshank_DPI   ? 
_refine.pdbx_overall_SU_R_Blow_DPI               ? 
_refine.pdbx_overall_SU_R_free_Blow_DPI          ? 
# 
_refine_hist.pdbx_refine_id                   'X-RAY DIFFRACTION' 
_refine_hist.cycle_id                         LAST 
_refine_hist.pdbx_number_atoms_protein        363 
_refine_hist.pdbx_number_atoms_nucleic_acid   0 
_refine_hist.pdbx_number_atoms_ligand         5 
_refine_hist.number_atoms_solvent             19 
_refine_hist.number_atoms_total               387 
_refine_hist.d_res_high                       2.20 
_refine_hist.d_res_low                        45.17 
# 
loop_
_refine_ls_restr.type 
_refine_ls_restr.dev_ideal 
_refine_ls_restr.dev_ideal_target 
_refine_ls_restr.weight 
_refine_ls_restr.number 
_refine_ls_restr.pdbx_refine_id 
_refine_ls_restr.pdbx_restraint_function 
r_bond_refined_d         0.021  0.021  ? 371 'X-RAY DIFFRACTION' ? 
r_bond_other_d           0.030  0.020  ? 360 'X-RAY DIFFRACTION' ? 
r_angle_refined_deg      2.664  2.083  ? 501 'X-RAY DIFFRACTION' ? 
r_angle_other_deg        1.979  3.000  ? 829 'X-RAY DIFFRACTION' ? 
r_dihedral_angle_1_deg   7.456  5.000  ? 42  'X-RAY DIFFRACTION' ? 
r_dihedral_angle_2_deg   40.236 26.000 ? 15  'X-RAY DIFFRACTION' ? 
r_dihedral_angle_3_deg   17.793 15.000 ? 67  'X-RAY DIFFRACTION' ? 
r_dihedral_angle_4_deg   13.195 15.000 ? 1   'X-RAY DIFFRACTION' ? 
r_chiral_restr           0.092  0.200  ? 61  'X-RAY DIFFRACTION' ? 
r_gen_planes_refined     0.007  0.020  ? 381 'X-RAY DIFFRACTION' ? 
r_gen_planes_other       0.001  0.020  ? 60  'X-RAY DIFFRACTION' ? 
r_nbd_refined            0.323  0.200  ? 86  'X-RAY DIFFRACTION' ? 
r_nbd_other              0.189  0.200  ? 320 'X-RAY DIFFRACTION' ? 
r_nbtor_refined          0.211  0.200  ? 159 'X-RAY DIFFRACTION' ? 
r_nbtor_other            0.103  0.200  ? 215 'X-RAY DIFFRACTION' ? 
r_xyhbond_nbd_refined    0.305  0.200  ? 9   'X-RAY DIFFRACTION' ? 
r_xyhbond_nbd_other      0.014  0.200  ? 1   'X-RAY DIFFRACTION' ? 
r_symmetry_vdw_refined   0.234  0.200  ? 4   'X-RAY DIFFRACTION' ? 
r_symmetry_vdw_other     0.274  0.200  ? 32  'X-RAY DIFFRACTION' ? 
r_symmetry_hbond_refined 0.407  0.200  ? 12  'X-RAY DIFFRACTION' ? 
r_mcbond_it              1.783  1.500  ? 231 'X-RAY DIFFRACTION' ? 
r_mcbond_other           10.153 1.500  ? 98  'X-RAY DIFFRACTION' ? 
r_mcangle_it             2.147  2.000  ? 350 'X-RAY DIFFRACTION' ? 
r_scbond_it              3.229  3.000  ? 158 'X-RAY DIFFRACTION' ? 
r_scangle_it             4.429  4.500  ? 151 'X-RAY DIFFRACTION' ? 
# 
_refine_ls_shell.pdbx_total_number_of_bins_used   20 
_refine_ls_shell.d_res_high                       2.202 
_refine_ls_shell.d_res_low                        2.259 
_refine_ls_shell.number_reflns_R_work             313 
_refine_ls_shell.R_factor_R_work                  0.292 
_refine_ls_shell.percent_reflns_obs               99.39 
_refine_ls_shell.R_factor_R_free                  0.32 
_refine_ls_shell.R_factor_R_free_error            ? 
_refine_ls_shell.percent_reflns_R_free            ? 
_refine_ls_shell.number_reflns_R_free             15 
_refine_ls_shell.number_reflns_obs                ? 
_refine_ls_shell.redundancy_reflns_obs            ? 
_refine_ls_shell.number_reflns_all                ? 
_refine_ls_shell.pdbx_refine_id                   'X-RAY DIFFRACTION' 
_refine_ls_shell.R_factor_all                     ? 
# 
_struct.entry_id                  1U9G 
_struct.title                     
'Heterocyclic Peptide Backbone Modification in GCN4-pLI Based Coiled Coils: Replacement of K(8)L(9)' 
_struct.pdbx_model_details        ? 
_struct.pdbx_CASP_flag            ? 
_struct.pdbx_model_type_details   ? 
# 
_struct_keywords.entry_id        1U9G 
_struct_keywords.pdbx_keywords   TRANSCRIPTION 
_struct_keywords.text            'tetrameric alpha-helical coiled coil with heteerocycic backbone modification, transcription' 
# 
loop_
_struct_asym.id 
_struct_asym.pdbx_blank_PDB_chainid_flag 
_struct_asym.pdbx_modified 
_struct_asym.entity_id 
_struct_asym.details 
A N N 1 ? 
B N N 1 ? 
C N N 2 ? 
D N N 3 ? 
E N N 3 ? 
# 
_struct_ref.id                         1 
_struct_ref.entity_id                  1 
_struct_ref.db_name                    PDB 
_struct_ref.db_code                    1U9G 
_struct_ref.pdbx_db_accession          1U9G 
_struct_ref.pdbx_db_isoform            ? 
_struct_ref.pdbx_seq_one_letter_code   ? 
_struct_ref.pdbx_align_begin           ? 
# 
loop_
_struct_ref_seq.align_id 
_struct_ref_seq.ref_id 
_struct_ref_seq.pdbx_PDB_id_code 
_struct_ref_seq.pdbx_strand_id 
_struct_ref_seq.seq_align_beg 
_struct_ref_seq.pdbx_seq_align_beg_ins_code 
_struct_ref_seq.seq_align_end 
_struct_ref_seq.pdbx_seq_align_end_ins_code 
_struct_ref_seq.pdbx_db_accession 
_struct_ref_seq.db_align_beg 
_struct_ref_seq.pdbx_db_align_beg_ins_code 
_struct_ref_seq.db_align_end 
_struct_ref_seq.pdbx_db_align_end_ins_code 
_struct_ref_seq.pdbx_auth_seq_align_beg 
_struct_ref_seq.pdbx_auth_seq_align_end 
1 1 1U9G A 1 ? 32 ? 1U9G 2 ? 33 ? 2 33 
2 1 1U9G B 1 ? 32 ? 1U9G 2 ? 33 ? 2 33 
# 
loop_
_pdbx_struct_assembly.id 
_pdbx_struct_assembly.details 
_pdbx_struct_assembly.method_details 
_pdbx_struct_assembly.oligomeric_details 
_pdbx_struct_assembly.oligomeric_count 
1 author_and_software_defined_assembly PISA,PQS tetrameric 4 
2 software_defined_assembly            PISA     hexameric  6 
3 software_defined_assembly            PISA     hexameric  6 
4 software_defined_assembly            PISA     hexameric  6 
# 
loop_
_pdbx_struct_assembly_prop.biol_id 
_pdbx_struct_assembly_prop.type 
_pdbx_struct_assembly_prop.value 
_pdbx_struct_assembly_prop.details 
1 'ABSA (A^2)' 4560  ? 
1 MORE         -49   ? 
1 'SSA (A^2)'  4930  ? 
2 'ABSA (A^2)' 5780  ? 
2 MORE         -103  ? 
2 'SSA (A^2)'  9000  ? 
3 'ABSA (A^2)' 4350  ? 
3 MORE         -89   ? 
3 'SSA (A^2)'  10430 ? 
4 'ABSA (A^2)' 4110  ? 
4 MORE         -88   ? 
4 'SSA (A^2)'  10670 ? 
# 
loop_
_pdbx_struct_assembly_gen.assembly_id 
_pdbx_struct_assembly_gen.oper_expression 
_pdbx_struct_assembly_gen.asym_id_list 
1 1,2   A,B,C,D,E 
2 1,3,4 B,C,E     
2 5,6,2 A,D       
3 1,7,8 A,B,C,D,E 
4 1,3,4 A,B,C,D,E 
# 
loop_
_pdbx_struct_oper_list.id 
_pdbx_struct_oper_list.type 
_pdbx_struct_oper_list.name 
_pdbx_struct_oper_list.symmetry_operation 
_pdbx_struct_oper_list.matrix[1][1] 
_pdbx_struct_oper_list.matrix[1][2] 
_pdbx_struct_oper_list.matrix[1][3] 
_pdbx_struct_oper_list.vector[1] 
_pdbx_struct_oper_list.matrix[2][1] 
_pdbx_struct_oper_list.matrix[2][2] 
_pdbx_struct_oper_list.matrix[2][3] 
_pdbx_struct_oper_list.vector[2] 
_pdbx_struct_oper_list.matrix[3][1] 
_pdbx_struct_oper_list.matrix[3][2] 
_pdbx_struct_oper_list.matrix[3][3] 
_pdbx_struct_oper_list.vector[3] 
1 'identity operation'         1_555  x,y,z              1.0000000000  0.0000000000  0.0000000000  0.0000000000   0.0000000000  1.0000000000  0.0000000000  0.0000000000   0.0000000000  0.0000000000  1.0000000000  0.0000000000   
2 'crystal symmetry operation' 22_554 z+1/4,-y+1/4,x-1/4 -0.6867049838 -0.3256823915 0.6498978728  3.0729490823   -0.3256823915 -0.6614404487 -0.6755941923 -8.3602242090  0.6498978728  -0.6755941923 0.3481454325  -5.6709178475  
3 'crystal symmetry operation' 6_555  z+1/2,-x+1/2,-y    0.0349364417  -0.9466916833 -0.3202410058 12.5471365658  -0.3520160454 0.2882440011  -0.8905055303 -1.1324401063  0.9353417283  0.1438410670  -0.3231804429 -24.2148144993 
4 'crystal symmetry operation' 12_554 -y+1/2,-z,x-1/2    0.0349364417  -0.3520160454 0.9353417283  21.8121370519  -0.9466916833 0.2882440011  0.1438410670  15.6877736589  -0.3202410058 -0.8905055303 -0.3231804429 -4.8160910176  
5 'crystal symmetry operation' 15_554 y+1/4,-x+1/4,z-1/4 0.6985309985  -0.4104519724 0.5861600656  19.5581819227  0.6497039049  0.0204863805  -0.7599112739 9.5531429690   0.2998987831  0.9116520644  0.2809826210  3.4773803119   
6 'crystal symmetry operation' 20_554 x+1/4,-z+1/4,y-1/4 0.0762058343  0.8311549515  0.5507940789  22.3851096369  -0.4308824728 0.5256095506  -0.7335358853 0.4260317390   -0.8991846115 -0.1814278006 0.3981846151  -20.7103708229 
7 'crystal symmetry operation' 5_555  z,x,y              -0.4963782583 0.8676680991  0.0275806903  -11.2091002982 -0.8598495646 -0.4957803809 0.1219038151  -23.3981127856 0.1194460167  0.0367951588  0.9921586392  1.7964891452   
8 'crystal symmetry operation' 9_555  y,z,x              -0.4963782583 -0.8598495646 0.1194460167  -25.8973942472 0.8676680991  -0.4957803809 0.0367951588  -1.9406486245  0.0275806903  0.1219038151  0.9921586392  1.3790717132   
# 
_struct_biol.id                    1 
_struct_biol.details               'The tetramer formed by chains A and B is generated by the two fold axis: 3/4+z,1/4+y,1/4-x' 
_struct_biol.pdbx_parent_biol_id   ? 
# 
loop_
_struct_conf.conf_type_id 
_struct_conf.id 
_struct_conf.pdbx_PDB_helix_id 
_struct_conf.beg_label_comp_id 
_struct_conf.beg_label_asym_id 
_struct_conf.beg_label_seq_id 
_struct_conf.pdbx_beg_PDB_ins_code 
_struct_conf.end_label_comp_id 
_struct_conf.end_label_asym_id 
_struct_conf.end_label_seq_id 
_struct_conf.pdbx_end_PDB_ins_code 
_struct_conf.beg_auth_comp_id 
_struct_conf.beg_auth_asym_id 
_struct_conf.beg_auth_seq_id 
_struct_conf.end_auth_comp_id 
_struct_conf.end_auth_asym_id 
_struct_conf.end_auth_seq_id 
_struct_conf.pdbx_PDB_helix_class 
_struct_conf.details 
_struct_conf.pdbx_PDB_helix_length 
HELX_P HELX_P1 1 TA4 A 8 ? LYS A 26 ? TA4 A 9 LYS A 27 1 ? 19 
HELX_P HELX_P2 2 TA4 B 8 ? LEU B 29 ? TA4 B 9 LEU B 30 1 ? 22 
# 
_struct_conf_type.id          HELX_P 
_struct_conf_type.criteria    ? 
_struct_conf_type.reference   ? 
# 
loop_
_struct_conn.id 
_struct_conn.conn_type_id 
_struct_conn.pdbx_leaving_atom_flag 
_struct_conn.pdbx_PDB_id 
_struct_conn.ptnr1_label_asym_id 
_struct_conn.ptnr1_label_comp_id 
_struct_conn.ptnr1_label_seq_id 
_struct_conn.ptnr1_label_atom_id 
_struct_conn.pdbx_ptnr1_label_alt_id 
_struct_conn.pdbx_ptnr1_PDB_ins_code 
_struct_conn.pdbx_ptnr1_standard_comp_id 
_struct_conn.ptnr1_symmetry 
_struct_conn.ptnr2_label_asym_id 
_struct_conn.ptnr2_label_comp_id 
_struct_conn.ptnr2_label_seq_id 
_struct_conn.ptnr2_label_atom_id 
_struct_conn.pdbx_ptnr2_label_alt_id 
_struct_conn.pdbx_ptnr2_PDB_ins_code 
_struct_conn.ptnr1_auth_asym_id 
_struct_conn.ptnr1_auth_comp_id 
_struct_conn.ptnr1_auth_seq_id 
_struct_conn.ptnr2_auth_asym_id 
_struct_conn.ptnr2_auth_comp_id 
_struct_conn.ptnr2_auth_seq_id 
_struct_conn.ptnr2_symmetry 
_struct_conn.pdbx_ptnr3_label_atom_id 
_struct_conn.pdbx_ptnr3_label_seq_id 
_struct_conn.pdbx_ptnr3_label_comp_id 
_struct_conn.pdbx_ptnr3_label_asym_id 
_struct_conn.pdbx_ptnr3_label_alt_id 
_struct_conn.pdbx_ptnr3_PDB_ins_code 
_struct_conn.details 
_struct_conn.pdbx_dist_value 
_struct_conn.pdbx_value_order 
_struct_conn.pdbx_role 
covale1 covale both ? A TA4 8 C ? ? ? 1_555 A GLU 9 N ? ? A TA4 9 A GLU 10 1_555 ? ? ? ? ? ? ? 1.312 ? ? 
covale2 covale both ? B TA4 8 C ? ? ? 1_555 B GLU 9 N ? ? B TA4 9 B GLU 10 1_555 ? ? ? ? ? ? ? 1.331 ? ? 
# 
_struct_conn_type.id          covale 
_struct_conn_type.criteria    ? 
_struct_conn_type.reference   ? 
# 
loop_
_pdbx_modification_feature.ordinal 
_pdbx_modification_feature.label_comp_id 
_pdbx_modification_feature.label_asym_id 
_pdbx_modification_feature.label_seq_id 
_pdbx_modification_feature.label_alt_id 
_pdbx_modification_feature.modified_residue_label_comp_id 
_pdbx_modification_feature.modified_residue_label_asym_id 
_pdbx_modification_feature.modified_residue_label_seq_id 
_pdbx_modification_feature.modified_residue_label_alt_id 
_pdbx_modification_feature.auth_comp_id 
_pdbx_modification_feature.auth_asym_id 
_pdbx_modification_feature.auth_seq_id 
_pdbx_modification_feature.PDB_ins_code 
_pdbx_modification_feature.symmetry 
_pdbx_modification_feature.modified_residue_auth_comp_id 
_pdbx_modification_feature.modified_residue_auth_asym_id 
_pdbx_modification_feature.modified_residue_auth_seq_id 
_pdbx_modification_feature.modified_residue_PDB_ins_code 
_pdbx_modification_feature.modified_residue_symmetry 
_pdbx_modification_feature.comp_id_linking_atom 
_pdbx_modification_feature.modified_residue_id_linking_atom 
_pdbx_modification_feature.modified_residue_id 
_pdbx_modification_feature.ref_pcm_id 
_pdbx_modification_feature.ref_comp_id 
_pdbx_modification_feature.type 
_pdbx_modification_feature.category 
1 TA4 A 8 ? . . . . TA4 A 9 ? 1_555 . . . . . . . ? 1 TA4 None 'Non-standard residue' 
2 TA4 B 8 ? . . . . TA4 B 9 ? 1_555 . . . . . . . ? 1 TA4 None 'Non-standard residue' 
# 
_struct_site.id                   AC1 
_struct_site.pdbx_evidence_code   Software 
_struct_site.pdbx_auth_asym_id    B 
_struct_site.pdbx_auth_comp_id    SO4 
_struct_site.pdbx_auth_seq_id     1 
_struct_site.pdbx_auth_ins_code   ? 
_struct_site.pdbx_num_residues    15 
_struct_site.details              'BINDING SITE FOR RESIDUE SO4 B 1' 
# 
loop_
_struct_site_gen.id 
_struct_site_gen.site_id 
_struct_site_gen.pdbx_num_res 
_struct_site_gen.label_comp_id 
_struct_site_gen.label_asym_id 
_struct_site_gen.label_seq_id 
_struct_site_gen.pdbx_auth_ins_code 
_struct_site_gen.auth_comp_id 
_struct_site_gen.auth_asym_id 
_struct_site_gen.auth_seq_id 
_struct_site_gen.label_atom_id 
_struct_site_gen.label_alt_id 
_struct_site_gen.symmetry 
_struct_site_gen.details 
1  AC1 15 GLU A 10 ? GLU A 11 . ? 15_554 ? 
2  AC1 15 GLU A 10 ? GLU A 11 . ? 20_554 ? 
3  AC1 15 GLU A 10 ? GLU A 11 . ? 22_554 ? 
4  AC1 15 LYS A 14 ? LYS A 15 . ? 22_554 ? 
5  AC1 15 LYS A 14 ? LYS A 15 . ? 15_554 ? 
6  AC1 15 LYS A 14 ? LYS A 15 . ? 20_554 ? 
7  AC1 15 HOH D .  ? HOH A 36 . ? 20_554 ? 
8  AC1 15 HOH D .  ? HOH A 36 . ? 15_554 ? 
9  AC1 15 HOH D .  ? HOH A 36 . ? 22_554 ? 
10 AC1 15 HOH D .  ? HOH A 38 . ? 20_554 ? 
11 AC1 15 HOH D .  ? HOH A 38 . ? 15_554 ? 
12 AC1 15 HOH D .  ? HOH A 38 . ? 22_554 ? 
13 AC1 15 TYR B 16 ? TYR B 17 . ? 6_555  ? 
14 AC1 15 TYR B 16 ? TYR B 17 . ? 12_554 ? 
15 AC1 15 TYR B 16 ? TYR B 17 . ? 1_555  ? 
# 
_pdbx_entry_details.entry_id                   1U9G 
_pdbx_entry_details.compound_details           ? 
_pdbx_entry_details.source_details             ? 
_pdbx_entry_details.nonpolymer_details         ? 
_pdbx_entry_details.sequence_details           ? 
_pdbx_entry_details.has_ligand_of_interest     ? 
_pdbx_entry_details.has_protein_modification   Y 
# 
_pdbx_validate_close_contact.id               1 
_pdbx_validate_close_contact.PDB_model_num    1 
_pdbx_validate_close_contact.auth_atom_id_1   O 
_pdbx_validate_close_contact.auth_asym_id_1   A 
_pdbx_validate_close_contact.auth_comp_id_1   HOH 
_pdbx_validate_close_contact.auth_seq_id_1    39 
_pdbx_validate_close_contact.PDB_ins_code_1   ? 
_pdbx_validate_close_contact.label_alt_id_1   ? 
_pdbx_validate_close_contact.auth_atom_id_2   O 
_pdbx_validate_close_contact.auth_asym_id_2   A 
_pdbx_validate_close_contact.auth_comp_id_2   HOH 
_pdbx_validate_close_contact.auth_seq_id_2    41 
_pdbx_validate_close_contact.PDB_ins_code_2   ? 
_pdbx_validate_close_contact.label_alt_id_2   ? 
_pdbx_validate_close_contact.dist             2.12 
# 
loop_
_pdbx_validate_symm_contact.id 
_pdbx_validate_symm_contact.PDB_model_num 
_pdbx_validate_symm_contact.auth_atom_id_1 
_pdbx_validate_symm_contact.auth_asym_id_1 
_pdbx_validate_symm_contact.auth_comp_id_1 
_pdbx_validate_symm_contact.auth_seq_id_1 
_pdbx_validate_symm_contact.PDB_ins_code_1 
_pdbx_validate_symm_contact.label_alt_id_1 
_pdbx_validate_symm_contact.site_symmetry_1 
_pdbx_validate_symm_contact.auth_atom_id_2 
_pdbx_validate_symm_contact.auth_asym_id_2 
_pdbx_validate_symm_contact.auth_comp_id_2 
_pdbx_validate_symm_contact.auth_seq_id_2 
_pdbx_validate_symm_contact.PDB_ins_code_2 
_pdbx_validate_symm_contact.label_alt_id_2 
_pdbx_validate_symm_contact.site_symmetry_2 
_pdbx_validate_symm_contact.dist 
1 1 O A HOH 42 ? ? 1_555 O B HOH 43 ? ? 22_554 1.99 
2 1 O A HOH 35 ? ? 1_555 O B HOH 37 ? ? 16_545 2.13 
# 
loop_
_pdbx_validate_torsion.id 
_pdbx_validate_torsion.PDB_model_num 
_pdbx_validate_torsion.auth_comp_id 
_pdbx_validate_torsion.auth_asym_id 
_pdbx_validate_torsion.auth_seq_id 
_pdbx_validate_torsion.PDB_ins_code 
_pdbx_validate_torsion.label_alt_id 
_pdbx_validate_torsion.phi 
_pdbx_validate_torsion.psi 
1 1 LYS A 27 ? ? -57.19 -126.25 
2 1 LYS A 28 ? ? 16.02  -71.47  
3 1 LEU A 29 ? ? -61.55 40.23   
4 1 LEU B 29 ? ? -49.32 -72.24  
# 
loop_
_pdbx_struct_special_symmetry.id 
_pdbx_struct_special_symmetry.PDB_model_num 
_pdbx_struct_special_symmetry.auth_asym_id 
_pdbx_struct_special_symmetry.auth_comp_id 
_pdbx_struct_special_symmetry.auth_seq_id 
_pdbx_struct_special_symmetry.PDB_ins_code 
_pdbx_struct_special_symmetry.label_asym_id 
_pdbx_struct_special_symmetry.label_comp_id 
_pdbx_struct_special_symmetry.label_seq_id 
1 1 B SO4 1  ? C SO4 . 
2 1 B SO4 1  ? C SO4 . 
3 1 A HOH 38 ? D HOH . 
# 
loop_
_pdbx_unobs_or_zero_occ_residues.id 
_pdbx_unobs_or_zero_occ_residues.PDB_model_num 
_pdbx_unobs_or_zero_occ_residues.polymer_flag 
_pdbx_unobs_or_zero_occ_residues.occupancy_flag 
_pdbx_unobs_or_zero_occ_residues.auth_asym_id 
_pdbx_unobs_or_zero_occ_residues.auth_comp_id 
_pdbx_unobs_or_zero_occ_residues.auth_seq_id 
_pdbx_unobs_or_zero_occ_residues.PDB_ins_code 
_pdbx_unobs_or_zero_occ_residues.label_asym_id 
_pdbx_unobs_or_zero_occ_residues.label_comp_id 
_pdbx_unobs_or_zero_occ_residues.label_seq_id 
1  1 Y 1 A ARG 2  ? A ARG 1  
2  1 Y 1 A MET 3  ? A MET 2  
3  1 Y 1 A LYS 4  ? A LYS 3  
4  1 Y 1 A GLN 5  ? A GLN 4  
5  1 Y 1 A ILE 6  ? A ILE 5  
6  1 Y 1 A GLU 7  ? A GLU 6  
7  1 Y 1 A ASP 8  ? A ASP 7  
8  1 Y 1 A GLY 31 ? A GLY 30 
9  1 Y 1 A GLU 32 ? A GLU 31 
10 1 Y 1 A ARG 33 ? A ARG 32 
11 1 Y 1 B ARG 2  ? B ARG 1  
12 1 Y 1 B MET 3  ? B MET 2  
13 1 Y 1 B LYS 4  ? B LYS 3  
14 1 Y 1 B GLN 5  ? B GLN 4  
15 1 Y 1 B ILE 6  ? B ILE 5  
16 1 Y 1 B GLU 7  ? B GLU 6  
17 1 Y 1 B ASP 8  ? B ASP 7  
18 1 Y 1 B GLY 31 ? B GLY 30 
19 1 Y 1 B GLU 32 ? B GLU 31 
20 1 Y 1 B ARG 33 ? B ARG 32 
# 
loop_
_chem_comp_atom.comp_id 
_chem_comp_atom.atom_id 
_chem_comp_atom.type_symbol 
_chem_comp_atom.pdbx_aromatic_flag 
_chem_comp_atom.pdbx_stereo_config 
_chem_comp_atom.pdbx_ordinal 
ALA N    N N N 1   
ALA CA   C N S 2   
ALA C    C N N 3   
ALA O    O N N 4   
ALA CB   C N N 5   
ALA OXT  O N N 6   
ALA H    H N N 7   
ALA H2   H N N 8   
ALA HA   H N N 9   
ALA HB1  H N N 10  
ALA HB2  H N N 11  
ALA HB3  H N N 12  
ALA HXT  H N N 13  
ARG N    N N N 14  
ARG CA   C N S 15  
ARG C    C N N 16  
ARG O    O N N 17  
ARG CB   C N N 18  
ARG CG   C N N 19  
ARG CD   C N N 20  
ARG NE   N N N 21  
ARG CZ   C N N 22  
ARG NH1  N N N 23  
ARG NH2  N N N 24  
ARG OXT  O N N 25  
ARG H    H N N 26  
ARG H2   H N N 27  
ARG HA   H N N 28  
ARG HB2  H N N 29  
ARG HB3  H N N 30  
ARG HG2  H N N 31  
ARG HG3  H N N 32  
ARG HD2  H N N 33  
ARG HD3  H N N 34  
ARG HE   H N N 35  
ARG HH11 H N N 36  
ARG HH12 H N N 37  
ARG HH21 H N N 38  
ARG HH22 H N N 39  
ARG HXT  H N N 40  
ASN N    N N N 41  
ASN CA   C N S 42  
ASN C    C N N 43  
ASN O    O N N 44  
ASN CB   C N N 45  
ASN CG   C N N 46  
ASN OD1  O N N 47  
ASN ND2  N N N 48  
ASN OXT  O N N 49  
ASN H    H N N 50  
ASN H2   H N N 51  
ASN HA   H N N 52  
ASN HB2  H N N 53  
ASN HB3  H N N 54  
ASN HD21 H N N 55  
ASN HD22 H N N 56  
ASN HXT  H N N 57  
ASP N    N N N 58  
ASP CA   C N S 59  
ASP C    C N N 60  
ASP O    O N N 61  
ASP CB   C N N 62  
ASP CG   C N N 63  
ASP OD1  O N N 64  
ASP OD2  O N N 65  
ASP OXT  O N N 66  
ASP H    H N N 67  
ASP H2   H N N 68  
ASP HA   H N N 69  
ASP HB2  H N N 70  
ASP HB3  H N N 71  
ASP HD2  H N N 72  
ASP HXT  H N N 73  
GLN N    N N N 74  
GLN CA   C N S 75  
GLN C    C N N 76  
GLN O    O N N 77  
GLN CB   C N N 78  
GLN CG   C N N 79  
GLN CD   C N N 80  
GLN OE1  O N N 81  
GLN NE2  N N N 82  
GLN OXT  O N N 83  
GLN H    H N N 84  
GLN H2   H N N 85  
GLN HA   H N N 86  
GLN HB2  H N N 87  
GLN HB3  H N N 88  
GLN HG2  H N N 89  
GLN HG3  H N N 90  
GLN HE21 H N N 91  
GLN HE22 H N N 92  
GLN HXT  H N N 93  
GLU N    N N N 94  
GLU CA   C N S 95  
GLU C    C N N 96  
GLU O    O N N 97  
GLU CB   C N N 98  
GLU CG   C N N 99  
GLU CD   C N N 100 
GLU OE1  O N N 101 
GLU OE2  O N N 102 
GLU OXT  O N N 103 
GLU H    H N N 104 
GLU H2   H N N 105 
GLU HA   H N N 106 
GLU HB2  H N N 107 
GLU HB3  H N N 108 
GLU HG2  H N N 109 
GLU HG3  H N N 110 
GLU HE2  H N N 111 
GLU HXT  H N N 112 
GLY N    N N N 113 
GLY CA   C N N 114 
GLY C    C N N 115 
GLY O    O N N 116 
GLY OXT  O N N 117 
GLY H    H N N 118 
GLY H2   H N N 119 
GLY HA2  H N N 120 
GLY HA3  H N N 121 
GLY HXT  H N N 122 
HIS N    N N N 123 
HIS CA   C N S 124 
HIS C    C N N 125 
HIS O    O N N 126 
HIS CB   C N N 127 
HIS CG   C Y N 128 
HIS ND1  N Y N 129 
HIS CD2  C Y N 130 
HIS CE1  C Y N 131 
HIS NE2  N Y N 132 
HIS OXT  O N N 133 
HIS H    H N N 134 
HIS H2   H N N 135 
HIS HA   H N N 136 
HIS HB2  H N N 137 
HIS HB3  H N N 138 
HIS HD1  H N N 139 
HIS HD2  H N N 140 
HIS HE1  H N N 141 
HIS HE2  H N N 142 
HIS HXT  H N N 143 
HOH O    O N N 144 
HOH H1   H N N 145 
HOH H2   H N N 146 
ILE N    N N N 147 
ILE CA   C N S 148 
ILE C    C N N 149 
ILE O    O N N 150 
ILE CB   C N S 151 
ILE CG1  C N N 152 
ILE CG2  C N N 153 
ILE CD1  C N N 154 
ILE OXT  O N N 155 
ILE H    H N N 156 
ILE H2   H N N 157 
ILE HA   H N N 158 
ILE HB   H N N 159 
ILE HG12 H N N 160 
ILE HG13 H N N 161 
ILE HG21 H N N 162 
ILE HG22 H N N 163 
ILE HG23 H N N 164 
ILE HD11 H N N 165 
ILE HD12 H N N 166 
ILE HD13 H N N 167 
ILE HXT  H N N 168 
LEU N    N N N 169 
LEU CA   C N S 170 
LEU C    C N N 171 
LEU O    O N N 172 
LEU CB   C N N 173 
LEU CG   C N N 174 
LEU CD1  C N N 175 
LEU CD2  C N N 176 
LEU OXT  O N N 177 
LEU H    H N N 178 
LEU H2   H N N 179 
LEU HA   H N N 180 
LEU HB2  H N N 181 
LEU HB3  H N N 182 
LEU HG   H N N 183 
LEU HD11 H N N 184 
LEU HD12 H N N 185 
LEU HD13 H N N 186 
LEU HD21 H N N 187 
LEU HD22 H N N 188 
LEU HD23 H N N 189 
LEU HXT  H N N 190 
LYS N    N N N 191 
LYS CA   C N S 192 
LYS C    C N N 193 
LYS O    O N N 194 
LYS CB   C N N 195 
LYS CG   C N N 196 
LYS CD   C N N 197 
LYS CE   C N N 198 
LYS NZ   N N N 199 
LYS OXT  O N N 200 
LYS H    H N N 201 
LYS H2   H N N 202 
LYS HA   H N N 203 
LYS HB2  H N N 204 
LYS HB3  H N N 205 
LYS HG2  H N N 206 
LYS HG3  H N N 207 
LYS HD2  H N N 208 
LYS HD3  H N N 209 
LYS HE2  H N N 210 
LYS HE3  H N N 211 
LYS HZ1  H N N 212 
LYS HZ2  H N N 213 
LYS HZ3  H N N 214 
LYS HXT  H N N 215 
MET N    N N N 216 
MET CA   C N S 217 
MET C    C N N 218 
MET O    O N N 219 
MET CB   C N N 220 
MET CG   C N N 221 
MET SD   S N N 222 
MET CE   C N N 223 
MET OXT  O N N 224 
MET H    H N N 225 
MET H2   H N N 226 
MET HA   H N N 227 
MET HB2  H N N 228 
MET HB3  H N N 229 
MET HG2  H N N 230 
MET HG3  H N N 231 
MET HE1  H N N 232 
MET HE2  H N N 233 
MET HE3  H N N 234 
MET HXT  H N N 235 
SER N    N N N 236 
SER CA   C N S 237 
SER C    C N N 238 
SER O    O N N 239 
SER CB   C N N 240 
SER OG   O N N 241 
SER OXT  O N N 242 
SER H    H N N 243 
SER H2   H N N 244 
SER HA   H N N 245 
SER HB2  H N N 246 
SER HB3  H N N 247 
SER HG   H N N 248 
SER HXT  H N N 249 
SO4 S    S N N 250 
SO4 O1   O N N 251 
SO4 O2   O N N 252 
SO4 O3   O N N 253 
SO4 O4   O N N 254 
TA4 O    O N N 255 
TA4 C    C N N 256 
TA4 CA   C N S 257 
TA4 CB   C N N 258 
TA4 CG   C N N 259 
TA4 CD2  C N N 260 
TA4 CD1  C N N 261 
TA4 NT1  N Y N 262 
TA4 CT5  C Y N 263 
TA4 CT4  C Y N 264 
TA4 NT3  N Y N 265 
TA4 NT2  N Y N 266 
TA4 CT6  C N N 267 
TA4 N    N N N 268 
TA4 OXT  O N N 269 
TA4 HA   H N N 270 
TA4 HB2  H N N 271 
TA4 HB3  H N N 272 
TA4 HG   H N N 273 
TA4 HD21 H N N 274 
TA4 HD22 H N N 275 
TA4 HD23 H N N 276 
TA4 HD11 H N N 277 
TA4 HD12 H N N 278 
TA4 HD13 H N N 279 
TA4 HT5  H N N 280 
TA4 HT61 H N N 281 
TA4 HT62 H N N 282 
TA4 H    H N N 283 
TA4 H2   H N N 284 
TA4 HXT  H N N 285 
TYR N    N N N 286 
TYR CA   C N S 287 
TYR C    C N N 288 
TYR O    O N N 289 
TYR CB   C N N 290 
TYR CG   C Y N 291 
TYR CD1  C Y N 292 
TYR CD2  C Y N 293 
TYR CE1  C Y N 294 
TYR CE2  C Y N 295 
TYR CZ   C Y N 296 
TYR OH   O N N 297 
TYR OXT  O N N 298 
TYR H    H N N 299 
TYR H2   H N N 300 
TYR HA   H N N 301 
TYR HB2  H N N 302 
TYR HB3  H N N 303 
TYR HD1  H N N 304 
TYR HD2  H N N 305 
TYR HE1  H N N 306 
TYR HE2  H N N 307 
TYR HH   H N N 308 
TYR HXT  H N N 309 
# 
loop_
_chem_comp_bond.comp_id 
_chem_comp_bond.atom_id_1 
_chem_comp_bond.atom_id_2 
_chem_comp_bond.value_order 
_chem_comp_bond.pdbx_aromatic_flag 
_chem_comp_bond.pdbx_stereo_config 
_chem_comp_bond.pdbx_ordinal 
ALA N   CA   sing N N 1   
ALA N   H    sing N N 2   
ALA N   H2   sing N N 3   
ALA CA  C    sing N N 4   
ALA CA  CB   sing N N 5   
ALA CA  HA   sing N N 6   
ALA C   O    doub N N 7   
ALA C   OXT  sing N N 8   
ALA CB  HB1  sing N N 9   
ALA CB  HB2  sing N N 10  
ALA CB  HB3  sing N N 11  
ALA OXT HXT  sing N N 12  
ARG N   CA   sing N N 13  
ARG N   H    sing N N 14  
ARG N   H2   sing N N 15  
ARG CA  C    sing N N 16  
ARG CA  CB   sing N N 17  
ARG CA  HA   sing N N 18  
ARG C   O    doub N N 19  
ARG C   OXT  sing N N 20  
ARG CB  CG   sing N N 21  
ARG CB  HB2  sing N N 22  
ARG CB  HB3  sing N N 23  
ARG CG  CD   sing N N 24  
ARG CG  HG2  sing N N 25  
ARG CG  HG3  sing N N 26  
ARG CD  NE   sing N N 27  
ARG CD  HD2  sing N N 28  
ARG CD  HD3  sing N N 29  
ARG NE  CZ   sing N N 30  
ARG NE  HE   sing N N 31  
ARG CZ  NH1  sing N N 32  
ARG CZ  NH2  doub N N 33  
ARG NH1 HH11 sing N N 34  
ARG NH1 HH12 sing N N 35  
ARG NH2 HH21 sing N N 36  
ARG NH2 HH22 sing N N 37  
ARG OXT HXT  sing N N 38  
ASN N   CA   sing N N 39  
ASN N   H    sing N N 40  
ASN N   H2   sing N N 41  
ASN CA  C    sing N N 42  
ASN CA  CB   sing N N 43  
ASN CA  HA   sing N N 44  
ASN C   O    doub N N 45  
ASN C   OXT  sing N N 46  
ASN CB  CG   sing N N 47  
ASN CB  HB2  sing N N 48  
ASN CB  HB3  sing N N 49  
ASN CG  OD1  doub N N 50  
ASN CG  ND2  sing N N 51  
ASN ND2 HD21 sing N N 52  
ASN ND2 HD22 sing N N 53  
ASN OXT HXT  sing N N 54  
ASP N   CA   sing N N 55  
ASP N   H    sing N N 56  
ASP N   H2   sing N N 57  
ASP CA  C    sing N N 58  
ASP CA  CB   sing N N 59  
ASP CA  HA   sing N N 60  
ASP C   O    doub N N 61  
ASP C   OXT  sing N N 62  
ASP CB  CG   sing N N 63  
ASP CB  HB2  sing N N 64  
ASP CB  HB3  sing N N 65  
ASP CG  OD1  doub N N 66  
ASP CG  OD2  sing N N 67  
ASP OD2 HD2  sing N N 68  
ASP OXT HXT  sing N N 69  
GLN N   CA   sing N N 70  
GLN N   H    sing N N 71  
GLN N   H2   sing N N 72  
GLN CA  C    sing N N 73  
GLN CA  CB   sing N N 74  
GLN CA  HA   sing N N 75  
GLN C   O    doub N N 76  
GLN C   OXT  sing N N 77  
GLN CB  CG   sing N N 78  
GLN CB  HB2  sing N N 79  
GLN CB  HB3  sing N N 80  
GLN CG  CD   sing N N 81  
GLN CG  HG2  sing N N 82  
GLN CG  HG3  sing N N 83  
GLN CD  OE1  doub N N 84  
GLN CD  NE2  sing N N 85  
GLN NE2 HE21 sing N N 86  
GLN NE2 HE22 sing N N 87  
GLN OXT HXT  sing N N 88  
GLU N   CA   sing N N 89  
GLU N   H    sing N N 90  
GLU N   H2   sing N N 91  
GLU CA  C    sing N N 92  
GLU CA  CB   sing N N 93  
GLU CA  HA   sing N N 94  
GLU C   O    doub N N 95  
GLU C   OXT  sing N N 96  
GLU CB  CG   sing N N 97  
GLU CB  HB2  sing N N 98  
GLU CB  HB3  sing N N 99  
GLU CG  CD   sing N N 100 
GLU CG  HG2  sing N N 101 
GLU CG  HG3  sing N N 102 
GLU CD  OE1  doub N N 103 
GLU CD  OE2  sing N N 104 
GLU OE2 HE2  sing N N 105 
GLU OXT HXT  sing N N 106 
GLY N   CA   sing N N 107 
GLY N   H    sing N N 108 
GLY N   H2   sing N N 109 
GLY CA  C    sing N N 110 
GLY CA  HA2  sing N N 111 
GLY CA  HA3  sing N N 112 
GLY C   O    doub N N 113 
GLY C   OXT  sing N N 114 
GLY OXT HXT  sing N N 115 
HIS N   CA   sing N N 116 
HIS N   H    sing N N 117 
HIS N   H2   sing N N 118 
HIS CA  C    sing N N 119 
HIS CA  CB   sing N N 120 
HIS CA  HA   sing N N 121 
HIS C   O    doub N N 122 
HIS C   OXT  sing N N 123 
HIS CB  CG   sing N N 124 
HIS CB  HB2  sing N N 125 
HIS CB  HB3  sing N N 126 
HIS CG  ND1  sing Y N 127 
HIS CG  CD2  doub Y N 128 
HIS ND1 CE1  doub Y N 129 
HIS ND1 HD1  sing N N 130 
HIS CD2 NE2  sing Y N 131 
HIS CD2 HD2  sing N N 132 
HIS CE1 NE2  sing Y N 133 
HIS CE1 HE1  sing N N 134 
HIS NE2 HE2  sing N N 135 
HIS OXT HXT  sing N N 136 
HOH O   H1   sing N N 137 
HOH O   H2   sing N N 138 
ILE N   CA   sing N N 139 
ILE N   H    sing N N 140 
ILE N   H2   sing N N 141 
ILE CA  C    sing N N 142 
ILE CA  CB   sing N N 143 
ILE CA  HA   sing N N 144 
ILE C   O    doub N N 145 
ILE C   OXT  sing N N 146 
ILE CB  CG1  sing N N 147 
ILE CB  CG2  sing N N 148 
ILE CB  HB   sing N N 149 
ILE CG1 CD1  sing N N 150 
ILE CG1 HG12 sing N N 151 
ILE CG1 HG13 sing N N 152 
ILE CG2 HG21 sing N N 153 
ILE CG2 HG22 sing N N 154 
ILE CG2 HG23 sing N N 155 
ILE CD1 HD11 sing N N 156 
ILE CD1 HD12 sing N N 157 
ILE CD1 HD13 sing N N 158 
ILE OXT HXT  sing N N 159 
LEU N   CA   sing N N 160 
LEU N   H    sing N N 161 
LEU N   H2   sing N N 162 
LEU CA  C    sing N N 163 
LEU CA  CB   sing N N 164 
LEU CA  HA   sing N N 165 
LEU C   O    doub N N 166 
LEU C   OXT  sing N N 167 
LEU CB  CG   sing N N 168 
LEU CB  HB2  sing N N 169 
LEU CB  HB3  sing N N 170 
LEU CG  CD1  sing N N 171 
LEU CG  CD2  sing N N 172 
LEU CG  HG   sing N N 173 
LEU CD1 HD11 sing N N 174 
LEU CD1 HD12 sing N N 175 
LEU CD1 HD13 sing N N 176 
LEU CD2 HD21 sing N N 177 
LEU CD2 HD22 sing N N 178 
LEU CD2 HD23 sing N N 179 
LEU OXT HXT  sing N N 180 
LYS N   CA   sing N N 181 
LYS N   H    sing N N 182 
LYS N   H2   sing N N 183 
LYS CA  C    sing N N 184 
LYS CA  CB   sing N N 185 
LYS CA  HA   sing N N 186 
LYS C   O    doub N N 187 
LYS C   OXT  sing N N 188 
LYS CB  CG   sing N N 189 
LYS CB  HB2  sing N N 190 
LYS CB  HB3  sing N N 191 
LYS CG  CD   sing N N 192 
LYS CG  HG2  sing N N 193 
LYS CG  HG3  sing N N 194 
LYS CD  CE   sing N N 195 
LYS CD  HD2  sing N N 196 
LYS CD  HD3  sing N N 197 
LYS CE  NZ   sing N N 198 
LYS CE  HE2  sing N N 199 
LYS CE  HE3  sing N N 200 
LYS NZ  HZ1  sing N N 201 
LYS NZ  HZ2  sing N N 202 
LYS NZ  HZ3  sing N N 203 
LYS OXT HXT  sing N N 204 
MET N   CA   sing N N 205 
MET N   H    sing N N 206 
MET N   H2   sing N N 207 
MET CA  C    sing N N 208 
MET CA  CB   sing N N 209 
MET CA  HA   sing N N 210 
MET C   O    doub N N 211 
MET C   OXT  sing N N 212 
MET CB  CG   sing N N 213 
MET CB  HB2  sing N N 214 
MET CB  HB3  sing N N 215 
MET CG  SD   sing N N 216 
MET CG  HG2  sing N N 217 
MET CG  HG3  sing N N 218 
MET SD  CE   sing N N 219 
MET CE  HE1  sing N N 220 
MET CE  HE2  sing N N 221 
MET CE  HE3  sing N N 222 
MET OXT HXT  sing N N 223 
SER N   CA   sing N N 224 
SER N   H    sing N N 225 
SER N   H2   sing N N 226 
SER CA  C    sing N N 227 
SER CA  CB   sing N N 228 
SER CA  HA   sing N N 229 
SER C   O    doub N N 230 
SER C   OXT  sing N N 231 
SER CB  OG   sing N N 232 
SER CB  HB2  sing N N 233 
SER CB  HB3  sing N N 234 
SER OG  HG   sing N N 235 
SER OXT HXT  sing N N 236 
SO4 S   O1   doub N N 237 
SO4 S   O2   doub N N 238 
SO4 S   O3   sing N N 239 
SO4 S   O4   sing N N 240 
TA4 O   C    doub N N 241 
TA4 C   CA   sing N N 242 
TA4 C   OXT  sing N N 243 
TA4 CA  CB   sing N N 244 
TA4 CA  NT1  sing N N 245 
TA4 CA  HA   sing N N 246 
TA4 CB  CG   sing N N 247 
TA4 CB  HB2  sing N N 248 
TA4 CB  HB3  sing N N 249 
TA4 CG  CD2  sing N N 250 
TA4 CG  CD1  sing N N 251 
TA4 CG  HG   sing N N 252 
TA4 CD2 HD21 sing N N 253 
TA4 CD2 HD22 sing N N 254 
TA4 CD2 HD23 sing N N 255 
TA4 CD1 HD11 sing N N 256 
TA4 CD1 HD12 sing N N 257 
TA4 CD1 HD13 sing N N 258 
TA4 NT1 CT5  sing Y N 259 
TA4 NT1 NT2  sing Y N 260 
TA4 CT5 CT4  doub Y N 261 
TA4 CT5 HT5  sing N N 262 
TA4 CT4 NT3  sing Y N 263 
TA4 CT4 CT6  sing N N 264 
TA4 NT3 NT2  doub Y N 265 
TA4 CT6 N    sing N N 266 
TA4 CT6 HT61 sing N N 267 
TA4 CT6 HT62 sing N N 268 
TA4 N   H    sing N N 269 
TA4 N   H2   sing N N 270 
TA4 OXT HXT  sing N N 271 
TYR N   CA   sing N N 272 
TYR N   H    sing N N 273 
TYR N   H2   sing N N 274 
TYR CA  C    sing N N 275 
TYR CA  CB   sing N N 276 
TYR CA  HA   sing N N 277 
TYR C   O    doub N N 278 
TYR C   OXT  sing N N 279 
TYR CB  CG   sing N N 280 
TYR CB  HB2  sing N N 281 
TYR CB  HB3  sing N N 282 
TYR CG  CD1  doub Y N 283 
TYR CG  CD2  sing Y N 284 
TYR CD1 CE1  sing Y N 285 
TYR CD1 HD1  sing N N 286 
TYR CD2 CE2  doub Y N 287 
TYR CD2 HD2  sing N N 288 
TYR CE1 CZ   doub Y N 289 
TYR CE1 HE1  sing N N 290 
TYR CE2 CZ   sing Y N 291 
TYR CE2 HE2  sing N N 292 
TYR CZ  OH   sing N N 293 
TYR OH  HH   sing N N 294 
TYR OXT HXT  sing N N 295 
# 
_atom_sites.entry_id                    1U9G 
_atom_sites.fract_transf_matrix[1][1]   0.00352880 
_atom_sites.fract_transf_matrix[1][2]   0.00926754 
_atom_sites.fract_transf_matrix[1][3]   -0.00806631 
_atom_sites.fract_transf_matrix[2][1]   0.00606705 
_atom_sites.fract_transf_matrix[2][2]   -0.00861221 
_atom_sites.fract_transf_matrix[2][3]   -0.00724056 
_atom_sites.fract_transf_matrix[3][1]   -0.01068380 
_atom_sites.fract_transf_matrix[3][2]   -0.00182964 
_atom_sites.fract_transf_matrix[3][3]   -0.00677599 
_atom_sites.fract_transf_vector[1]      0.179642 
_atom_sites.fract_transf_vector[2]      0.059146 
_atom_sites.fract_transf_vector[3]      -0.091247 
# 
loop_
_atom_type.symbol 
C 
N 
O 
S 
# 
loop_
_atom_site.group_PDB 
_atom_site.id 
_atom_site.type_symbol 
_atom_site.label_atom_id 
_atom_site.label_alt_id 
_atom_site.label_comp_id 
_atom_site.label_asym_id 
_atom_site.label_entity_id 
_atom_site.label_seq_id 
_atom_site.pdbx_PDB_ins_code 
_atom_site.Cartn_x 
_atom_site.Cartn_y 
_atom_site.Cartn_z 
_atom_site.occupancy 
_atom_site.B_iso_or_equiv 
_atom_site.pdbx_formal_charge 
_atom_site.auth_seq_id 
_atom_site.auth_comp_id 
_atom_site.auth_asym_id 
_atom_site.auth_atom_id 
_atom_site.pdbx_PDB_model_num 
HETATM 1   O O   . TA4 A 1 8  ? -9.262  2.168   -11.327 1.00 48.29 ? 9  TA4 A O   1 
HETATM 2   C C   . TA4 A 1 8  ? -10.116 2.290   -12.209 1.00 49.62 ? 9  TA4 A C   1 
HETATM 3   C CA  . TA4 A 1 8  ? -9.823  2.790   -13.633 1.00 53.34 ? 9  TA4 A CA  1 
HETATM 4   C CB  . TA4 A 1 8  ? -8.385  2.573   -14.020 1.00 53.80 ? 9  TA4 A CB  1 
HETATM 5   C CG  . TA4 A 1 8  ? -8.036  3.121   -15.406 1.00 55.98 ? 9  TA4 A CG  1 
HETATM 6   C CD2 . TA4 A 1 8  ? -6.548  3.373   -15.420 1.00 56.70 ? 9  TA4 A CD2 1 
HETATM 7   C CD1 . TA4 A 1 8  ? -8.357  2.188   -16.577 1.00 58.98 ? 9  TA4 A CD1 1 
HETATM 8   N NT1 . TA4 A 1 8  ? -10.059 4.236   -13.561 1.00 54.53 ? 9  TA4 A NT1 1 
HETATM 9   C CT5 . TA4 A 1 8  ? -9.479  5.031   -12.621 1.00 58.09 ? 9  TA4 A CT5 1 
HETATM 10  C CT4 . TA4 A 1 8  ? -9.913  6.310   -12.758 1.00 58.19 ? 9  TA4 A CT4 1 
HETATM 11  N NT3 . TA4 A 1 8  ? -10.792 6.297   -13.822 1.00 60.07 ? 9  TA4 A NT3 1 
HETATM 12  N NT2 . TA4 A 1 8  ? -10.891 5.030   -14.311 1.00 56.92 ? 9  TA4 A NT2 1 
HETATM 13  C CT6 . TA4 A 1 8  ? -9.471  7.502   -11.888 1.00 58.48 ? 9  TA4 A CT6 1 
HETATM 14  N N   . TA4 A 1 8  ? -8.460  7.092   -10.861 1.00 56.23 ? 9  TA4 A N   1 
ATOM   15  N N   . GLU A 1 9  ? -11.390 2.078   -11.979 1.00 46.02 ? 10 GLU A N   1 
ATOM   16  C CA  . GLU A 1 9  ? -11.928 1.900   -10.669 1.00 43.95 ? 10 GLU A CA  1 
ATOM   17  C C   . GLU A 1 9  ? -11.541 0.566   -10.070 1.00 42.68 ? 10 GLU A C   1 
ATOM   18  O O   . GLU A 1 9  ? -11.356 0.501   -8.869  1.00 42.49 ? 10 GLU A O   1 
ATOM   19  C CB  . GLU A 1 9  ? -13.454 2.059   -10.712 1.00 43.63 ? 10 GLU A CB  1 
ATOM   20  C CG  . GLU A 1 9  ? -13.943 3.444   -11.094 1.00 43.70 ? 10 GLU A CG  1 
ATOM   21  C CD  . GLU A 1 9  ? -13.590 4.523   -10.099 1.00 45.89 ? 10 GLU A CD  1 
ATOM   22  O OE1 . GLU A 1 9  ? -13.655 5.695   -10.475 1.00 51.17 ? 10 GLU A OE1 1 
ATOM   23  O OE2 . GLU A 1 9  ? -13.214 4.251   -8.947  1.00 48.89 ? 10 GLU A OE2 1 
ATOM   24  N N   . GLU A 1 10 ? -11.406 -0.473  -10.899 1.00 40.83 ? 11 GLU A N   1 
ATOM   25  C CA  . GLU A 1 10 ? -10.959 -1.769  -10.452 1.00 39.74 ? 11 GLU A CA  1 
ATOM   26  C C   . GLU A 1 10 ? -9.527  -1.731  -9.953  1.00 40.22 ? 11 GLU A C   1 
ATOM   27  O O   . GLU A 1 10 ? -9.241  -2.229  -8.887  1.00 41.90 ? 11 GLU A O   1 
ATOM   28  C CB  . GLU A 1 10 ? -11.124 -2.829  -11.541 1.00 39.20 ? 11 GLU A CB  1 
ATOM   29  C CG  . GLU A 1 10 ? -10.783 -4.211  -11.008 1.00 39.80 ? 11 GLU A CG  1 
ATOM   30  C CD  . GLU A 1 10 ? -11.064 -5.318  -11.951 1.00 40.38 ? 11 GLU A CD  1 
ATOM   31  O OE1 . GLU A 1 10 ? -11.601 -5.042  -13.017 1.00 41.93 ? 11 GLU A OE1 1 
ATOM   32  O OE2 . GLU A 1 10 ? -10.739 -6.465  -11.619 1.00 44.30 ? 11 GLU A OE2 1 
ATOM   33  N N   . ILE A 1 11 ? -8.618  -1.110  -10.682 1.00 39.32 ? 12 ILE A N   1 
ATOM   34  C CA  . ILE A 1 11 ? -7.232  -1.045  -10.246 1.00 38.47 ? 12 ILE A CA  1 
ATOM   35  C C   . ILE A 1 11 ? -7.164  -0.318  -8.937  1.00 38.38 ? 12 ILE A C   1 
ATOM   36  O O   . ILE A 1 11 ? -6.485  -0.735  -8.023  1.00 39.24 ? 12 ILE A O   1 
ATOM   37  C CB  . ILE A 1 11 ? -6.382  -0.346  -11.341 1.00 38.53 ? 12 ILE A CB  1 
ATOM   38  C CG1 . ILE A 1 11 ? -6.202  -1.253  -12.571 1.00 36.82 ? 12 ILE A CG1 1 
ATOM   39  C CG2 . ILE A 1 11 ? -5.041  0.156   -10.784 1.00 38.93 ? 12 ILE A CG2 1 
ATOM   40  C CD1 . ILE A 1 11 ? -5.826  -0.474  -13.813 1.00 37.97 ? 12 ILE A CD1 1 
ATOM   41  N N   . LEU A 1 12 ? -7.891  0.771   -8.809  1.00 38.76 ? 13 LEU A N   1 
ATOM   42  C CA  . LEU A 1 12 ? -7.878  1.546   -7.568  1.00 38.15 ? 13 LEU A CA  1 
ATOM   43  C C   . LEU A 1 12 ? -8.438  0.757   -6.394  1.00 37.73 ? 13 LEU A C   1 
ATOM   44  O O   . LEU A 1 12 ? -7.905  0.769   -5.295  1.00 38.31 ? 13 LEU A O   1 
ATOM   45  C CB  . LEU A 1 12 ? -8.590  2.885   -7.780  1.00 38.90 ? 13 LEU A CB  1 
ATOM   46  C CG  . LEU A 1 12 ? -8.647  3.838   -6.573  1.00 41.54 ? 13 LEU A CG  1 
ATOM   47  C CD1 . LEU A 1 12 ? -7.256  4.253   -5.954  1.00 43.79 ? 13 LEU A CD1 1 
ATOM   48  C CD2 . LEU A 1 12 ? -9.404  5.040   -7.017  1.00 43.04 ? 13 LEU A CD2 1 
ATOM   49  N N   . SER A 1 13 ? -9.493  0.010   -6.641  1.00 37.23 ? 14 SER A N   1 
ATOM   50  C CA  . SER A 1 13 ? -10.103 -0.820  -5.626  1.00 36.45 ? 14 SER A CA  1 
ATOM   51  C C   . SER A 1 13 ? -9.148  -1.853  -5.122  1.00 36.46 ? 14 SER A C   1 
ATOM   52  O O   . SER A 1 13 ? -9.104  -2.101  -3.953  1.00 35.74 ? 14 SER A O   1 
ATOM   53  C CB  . SER A 1 13 ? -11.290 -1.515  -6.232  1.00 36.98 ? 14 SER A CB  1 
ATOM   54  O OG  . SER A 1 13 ? -11.869 -2.335  -5.290  1.00 39.07 ? 14 SER A OG  1 
ATOM   55  N N   . LYS A 1 14 ? -8.376  -2.468  -6.021  1.00 37.24 ? 15 LYS A N   1 
ATOM   56  C CA  . LYS A 1 14 ? -7.394  -3.480  -5.639  1.00 37.62 ? 15 LYS A CA  1 
ATOM   57  C C   . LYS A 1 14 ? -6.252  -2.875  -4.859  1.00 37.40 ? 15 LYS A C   1 
ATOM   58  O O   . LYS A 1 14 ? -5.715  -3.531  -3.993  1.00 37.16 ? 15 LYS A O   1 
ATOM   59  C CB  . LYS A 1 14 ? -6.824  -4.245  -6.852  1.00 37.80 ? 15 LYS A CB  1 
ATOM   60  C CG  . LYS A 1 14 ? -7.812  -4.944  -7.790  1.00 39.88 ? 15 LYS A CG  1 
ATOM   61  C CD  . LYS A 1 14 ? -8.657  -5.960  -7.093  1.00 44.57 ? 15 LYS A CD  1 
ATOM   62  C CE  . LYS A 1 14 ? -9.819  -6.477  -7.943  1.00 45.28 ? 15 LYS A CE  1 
ATOM   63  N NZ  . LYS A 1 14 ? -10.814 -7.250  -7.100  1.00 47.74 ? 15 LYS A NZ  1 
ATOM   64  N N   . LEU A 1 15 ? -5.874  -1.638  -5.198  1.00 38.35 ? 16 LEU A N   1 
ATOM   65  C CA  . LEU A 1 15 ? -4.824  -0.883  -4.482  1.00 38.13 ? 16 LEU A CA  1 
ATOM   66  C C   . LEU A 1 15 ? -5.281  -0.468  -3.113  1.00 38.90 ? 16 LEU A C   1 
ATOM   67  O O   . LEU A 1 15 ? -4.509  -0.567  -2.188  1.00 38.95 ? 16 LEU A O   1 
ATOM   68  C CB  . LEU A 1 15 ? -4.346  0.362   -5.247  1.00 38.61 ? 16 LEU A CB  1 
ATOM   69  C CG  . LEU A 1 15 ? -3.636  0.091   -6.562  1.00 37.76 ? 16 LEU A CG  1 
ATOM   70  C CD1 . LEU A 1 15 ? -3.403  1.358   -7.248  1.00 38.73 ? 16 LEU A CD1 1 
ATOM   71  C CD2 . LEU A 1 15 ? -2.336  -0.704  -6.342  1.00 38.26 ? 16 LEU A CD2 1 
ATOM   72  N N   . TYR A 1 16 ? -6.515  -0.015  -2.943  1.00 39.28 ? 17 TYR A N   1 
ATOM   73  C CA  . TYR A 1 16 ? -7.055  0.098   -1.567  1.00 39.87 ? 17 TYR A CA  1 
ATOM   74  C C   . TYR A 1 16 ? -6.951  -1.199  -0.741  1.00 40.77 ? 17 TYR A C   1 
ATOM   75  O O   . TYR A 1 16 ? -6.510  -1.216  0.400   1.00 41.50 ? 17 TYR A O   1 
ATOM   76  C CB  . TYR A 1 16 ? -8.517  0.519   -1.583  1.00 40.13 ? 17 TYR A CB  1 
ATOM   77  C CG  . TYR A 1 16 ? -8.774  1.971   -1.704  1.00 38.96 ? 17 TYR A CG  1 
ATOM   78  C CD1 . TYR A 1 16 ? -9.374  2.474   -2.824  1.00 41.38 ? 17 TYR A CD1 1 
ATOM   79  C CD2 . TYR A 1 16 ? -8.501  2.844   -0.665  1.00 41.56 ? 17 TYR A CD2 1 
ATOM   80  C CE1 . TYR A 1 16 ? -9.663  3.814   -2.954  1.00 40.92 ? 17 TYR A CE1 1 
ATOM   81  C CE2 . TYR A 1 16 ? -8.785  4.222   -0.786  1.00 41.49 ? 17 TYR A CE2 1 
ATOM   82  C CZ  . TYR A 1 16 ? -9.361  4.683   -1.942  1.00 44.20 ? 17 TYR A CZ  1 
ATOM   83  O OH  . TYR A 1 16 ? -9.653  6.012   -2.140  1.00 47.31 ? 17 TYR A OH  1 
ATOM   84  N N   . HIS A 1 17 ? -7.403  -2.300  -1.287  1.00 41.79 ? 18 HIS A N   1 
ATOM   85  C CA  . HIS A 1 17 ? -7.309  -3.540  -0.554  1.00 42.14 ? 18 HIS A CA  1 
ATOM   86  C C   . HIS A 1 17 ? -5.861  -3.851  -0.167  1.00 43.14 ? 18 HIS A C   1 
ATOM   87  O O   . HIS A 1 17 ? -5.563  -4.207  0.966   1.00 44.37 ? 18 HIS A O   1 
ATOM   88  C CB  . HIS A 1 17 ? -7.918  -4.647  -1.386  1.00 41.67 ? 18 HIS A CB  1 
ATOM   89  C CG  . HIS A 1 17 ? -7.983  -5.938  -0.666  1.00 44.09 ? 18 HIS A CG  1 
ATOM   90  N ND1 . HIS A 1 17 ? -8.509  -6.050  0.603   1.00 49.08 ? 18 HIS A ND1 1 
ATOM   91  C CD2 . HIS A 1 17 ? -7.540  -7.165  -1.003  1.00 46.78 ? 18 HIS A CD2 1 
ATOM   92  C CE1 . HIS A 1 17 ? -8.386  -7.300  1.014   1.00 47.85 ? 18 HIS A CE1 1 
ATOM   93  N NE2 . HIS A 1 17 ? -7.812  -8.002  0.052   1.00 46.89 ? 18 HIS A NE2 1 
ATOM   94  N N   . ILE A 1 18 ? -4.953  -3.716  -1.122  1.00 44.24 ? 19 ILE A N   1 
ATOM   95  C CA  . ILE A 1 18 ? -3.536  -4.020  -0.904  1.00 44.30 ? 19 ILE A CA  1 
ATOM   96  C C   . ILE A 1 18 ? -2.958  -3.139  0.193   1.00 46.84 ? 19 ILE A C   1 
ATOM   97  O O   . ILE A 1 18 ? -2.295  -3.618  1.101   1.00 47.68 ? 19 ILE A O   1 
ATOM   98  C CB  . ILE A 1 18 ? -2.740  -3.841  -2.234  1.00 43.18 ? 19 ILE A CB  1 
ATOM   99  C CG1 . ILE A 1 18 ? -2.949  -5.024  -3.153  1.00 40.22 ? 19 ILE A CG1 1 
ATOM   100 C CG2 . ILE A 1 18 ? -1.217  -3.674  -1.985  1.00 42.88 ? 19 ILE A CG2 1 
ATOM   101 C CD1 . ILE A 1 18 ? -2.656  -4.718  -4.601  1.00 37.55 ? 19 ILE A CD1 1 
ATOM   102 N N   . GLU A 1 19 ? -3.195  -1.845  0.059   1.00 49.88 ? 20 GLU A N   1 
ATOM   103 C CA  . GLU A 1 19 ? -2.794  -0.811  1.017   1.00 52.48 ? 20 GLU A CA  1 
ATOM   104 C C   . GLU A 1 19 ? -3.324  -1.207  2.381   1.00 53.65 ? 20 GLU A C   1 
ATOM   105 O O   . GLU A 1 19 ? -2.600  -1.141  3.371   1.00 55.06 ? 20 GLU A O   1 
ATOM   106 C CB  . GLU A 1 19 ? -3.402  0.547   0.593   1.00 53.27 ? 20 GLU A CB  1 
ATOM   107 C CG  . GLU A 1 19 ? -2.687  1.817   1.007   1.00 56.99 ? 20 GLU A CG  1 
ATOM   108 C CD  . GLU A 1 19 ? -3.631  3.016   0.994   1.00 61.87 ? 20 GLU A CD  1 
ATOM   109 O OE1 . GLU A 1 19 ? -4.527  3.049   0.132   1.00 62.75 ? 20 GLU A OE1 1 
ATOM   110 O OE2 . GLU A 1 19 ? -3.496  3.924   1.862   1.00 66.49 ? 20 GLU A OE2 1 
ATOM   111 N N   . ASN A 1 20 ? -4.575  -1.654  2.433   1.00 54.81 ? 21 ASN A N   1 
ATOM   112 C CA  . ASN A 1 20 ? -5.167  -2.044  3.689   1.00 55.54 ? 21 ASN A CA  1 
ATOM   113 C C   . ASN A 1 20 ? -4.478  -3.298  4.227   1.00 55.95 ? 21 ASN A C   1 
ATOM   114 O O   . ASN A 1 20 ? -4.050  -3.279  5.369   1.00 57.27 ? 21 ASN A O   1 
ATOM   115 C CB  . ASN A 1 20 ? -6.706  -2.193  3.593   1.00 56.23 ? 21 ASN A CB  1 
ATOM   116 C CG  . ASN A 1 20 ? -7.454  -0.830  3.356   1.00 55.88 ? 21 ASN A CG  1 
ATOM   117 O OD1 . ASN A 1 20 ? -8.579  -0.833  2.913   1.00 58.88 ? 21 ASN A OD1 1 
ATOM   118 N ND2 . ASN A 1 20 ? -6.818  0.292   3.638   1.00 57.32 ? 21 ASN A ND2 1 
ATOM   119 N N   . GLU A 1 21 ? -4.336  -4.365  3.434   1.00 55.76 ? 22 GLU A N   1 
ATOM   120 C CA  . GLU A 1 21 ? -3.569  -5.559  3.869   1.00 54.76 ? 22 GLU A CA  1 
ATOM   121 C C   . GLU A 1 21 ? -2.158  -5.200  4.430   1.00 54.54 ? 22 GLU A C   1 
ATOM   122 O O   . GLU A 1 21 ? -1.658  -5.865  5.292   1.00 54.80 ? 22 GLU A O   1 
ATOM   123 C CB  . GLU A 1 21 ? -3.381  -6.562  2.717   1.00 54.52 ? 22 GLU A CB  1 
ATOM   124 C CG  . GLU A 1 21 ? -4.518  -7.515  2.321   1.00 54.84 ? 22 GLU A CG  1 
ATOM   125 C CD  . GLU A 1 21 ? -4.249  -8.203  0.969   1.00 55.44 ? 22 GLU A CD  1 
ATOM   126 O OE1 . GLU A 1 21 ? -4.019  -9.438  0.829   1.00 59.68 ? 22 GLU A OE1 1 
ATOM   127 O OE2 . GLU A 1 21 ? -4.258  -7.493  -0.024  1.00 57.82 ? 22 GLU A OE2 1 
ATOM   128 N N   . LEU A 1 22 ? -1.503  -4.169  3.930   1.00 54.68 ? 23 LEU A N   1 
ATOM   129 C CA  . LEU A 1 22 ? -0.129  -3.864  4.348   1.00 54.96 ? 23 LEU A CA  1 
ATOM   130 C C   . LEU A 1 22 ? -0.030  -3.053  5.614   1.00 57.06 ? 23 LEU A C   1 
ATOM   131 O O   . LEU A 1 22 ? 0.887   -3.223  6.384   1.00 57.20 ? 23 LEU A O   1 
ATOM   132 C CB  . LEU A 1 22 ? 0.596   -3.062  3.288   1.00 54.16 ? 23 LEU A CB  1 
ATOM   133 C CG  . LEU A 1 22 ? 1.078   -3.785  2.050   1.00 51.89 ? 23 LEU A CG  1 
ATOM   134 C CD1 . LEU A 1 22 ? 1.525   -2.778  1.062   1.00 49.93 ? 23 LEU A CD1 1 
ATOM   135 C CD2 . LEU A 1 22 ? 2.204   -4.716  2.399   1.00 52.06 ? 23 LEU A CD2 1 
ATOM   136 N N   . ALA A 1 23 ? -0.920  -2.086  5.773   1.00 59.70 ? 24 ALA A N   1 
ATOM   137 C CA  . ALA A 1 23 ? -1.094  -1.383  7.054   1.00 61.18 ? 24 ALA A CA  1 
ATOM   138 C C   . ALA A 1 23 ? -1.500  -2.355  8.188   1.00 62.29 ? 24 ALA A C   1 
ATOM   139 O O   . ALA A 1 23 ? -1.058  -2.168  9.320   1.00 63.58 ? 24 ALA A O   1 
ATOM   140 C CB  . ALA A 1 23 ? -2.108  -0.216  6.904   1.00 61.12 ? 24 ALA A CB  1 
ATOM   141 N N   . ARG A 1 24 ? -2.285  -3.399  7.900   1.00 63.12 ? 25 ARG A N   1 
ATOM   142 C CA  . ARG A 1 24 ? -2.518  -4.449  8.898   1.00 63.36 ? 25 ARG A CA  1 
ATOM   143 C C   . ARG A 1 24 ? -1.179  -5.081  9.206   1.00 64.42 ? 25 ARG A C   1 
ATOM   144 O O   . ARG A 1 24 ? -0.625  -4.870  10.285  1.00 65.02 ? 25 ARG A O   1 
ATOM   145 C CB  . ARG A 1 24 ? -3.508  -5.522  8.435   1.00 63.17 ? 25 ARG A CB  1 
ATOM   146 N N   . ILE A 1 25 ? -0.638  -5.820  8.235   1.00 65.20 ? 26 ILE A N   1 
ATOM   147 C CA  . ILE A 1 25 ? 0.648   -6.504  8.378   1.00 65.10 ? 26 ILE A CA  1 
ATOM   148 C C   . ILE A 1 25 ? 1.628   -5.664  9.134   1.00 67.15 ? 26 ILE A C   1 
ATOM   149 O O   . ILE A 1 25 ? 2.366   -6.184  9.941   1.00 67.57 ? 26 ILE A O   1 
ATOM   150 C CB  . ILE A 1 25 ? 1.256   -6.788  7.014   1.00 64.26 ? 26 ILE A CB  1 
ATOM   151 C CG1 . ILE A 1 25 ? 0.647   -8.034  6.420   1.00 61.18 ? 26 ILE A CG1 1 
ATOM   152 C CG2 . ILE A 1 25 ? 2.756   -6.969  7.120   1.00 63.37 ? 26 ILE A CG2 1 
ATOM   153 C CD1 . ILE A 1 25 ? 1.088   -8.295  5.054   1.00 58.42 ? 26 ILE A CD1 1 
ATOM   154 N N   . LYS A 1 26 ? 1.666   -4.372  8.798   1.00 69.67 ? 27 LYS A N   1 
ATOM   155 C CA  . LYS A 1 26 ? 2.526   -3.370  9.428   1.00 71.47 ? 27 LYS A CA  1 
ATOM   156 C C   . LYS A 1 26 ? 2.079   -3.518  10.866  1.00 73.58 ? 27 LYS A C   1 
ATOM   157 O O   . LYS A 1 26 ? 2.086   -4.642  11.342  1.00 74.70 ? 27 LYS A O   1 
ATOM   158 C CB  . LYS A 1 26 ? 2.261   -1.978  8.829   1.00 71.56 ? 27 LYS A CB  1 
ATOM   159 C CG  . LYS A 1 26 ? 3.477   -1.046  8.757   1.00 72.07 ? 27 LYS A CG  1 
ATOM   160 N N   . LYS A 1 27 ? 1.665   -2.476  11.577  1.00 75.22 ? 28 LYS A N   1 
ATOM   161 C CA  . LYS A 1 27 ? 1.010   -2.687  12.898  1.00 76.24 ? 28 LYS A CA  1 
ATOM   162 C C   . LYS A 1 27 ? 1.224   -4.107  13.495  1.00 76.94 ? 28 LYS A C   1 
ATOM   163 O O   . LYS A 1 27 ? 1.999   -4.241  14.458  1.00 77.98 ? 28 LYS A O   1 
ATOM   164 C CB  . LYS A 1 27 ? -0.492  -2.353  12.837  1.00 76.24 ? 28 LYS A CB  1 
ATOM   165 N N   . LEU A 1 28 ? 0.582   -5.146  12.916  1.00 77.18 ? 29 LEU A N   1 
ATOM   166 C CA  . LEU A 1 28 ? 0.700   -6.579  13.362  1.00 77.07 ? 29 LEU A CA  1 
ATOM   167 C C   . LEU A 1 28 ? 2.098   -7.155  13.270  1.00 77.15 ? 29 LEU A C   1 
ATOM   168 O O   . LEU A 1 28 ? 2.274   -8.332  12.907  1.00 76.89 ? 29 LEU A O   1 
ATOM   169 C CB  . LEU A 1 28 ? -0.210  -7.506  12.553  1.00 77.18 ? 29 LEU A CB  1 
ATOM   170 N N   . LEU A 1 29 ? 3.054   -6.303  13.646  1.00 77.11 ? 30 LEU A N   1 
ATOM   171 C CA  . LEU A 1 29 ? 4.492   -6.512  13.602  1.00 77.01 ? 30 LEU A CA  1 
ATOM   172 C C   . LEU A 1 29 ? 5.079   -5.505  14.606  1.00 76.97 ? 30 LEU A C   1 
ATOM   173 O O   . LEU A 1 29 ? 4.934   -4.281  14.443  1.00 76.75 ? 30 LEU A O   1 
ATOM   174 C CB  . LEU A 1 29 ? 5.080   -6.230  12.205  1.00 76.85 ? 30 LEU A CB  1 
ATOM   175 C CG  . LEU A 1 29 ? 5.290   -7.301  11.113  1.00 77.12 ? 30 LEU A CG  1 
ATOM   176 C CD1 . LEU A 1 29 ? 6.160   -6.753  9.955   1.00 77.07 ? 30 LEU A CD1 1 
ATOM   177 C CD2 . LEU A 1 29 ? 5.919   -8.585  11.588  1.00 76.50 ? 30 LEU A CD2 1 
HETATM 178 O O   . TA4 B 1 8  ? -2.472  7.977   -11.121 1.00 60.74 ? 9  TA4 B O   1 
HETATM 179 C C   . TA4 B 1 8  ? -2.822  8.860   -11.885 1.00 60.87 ? 9  TA4 B C   1 
HETATM 180 C CA  . TA4 B 1 8  ? -2.966  8.582   -13.378 1.00 60.97 ? 9  TA4 B CA  1 
HETATM 181 C CB  . TA4 B 1 8  ? -4.211  7.744   -13.272 1.00 61.40 ? 9  TA4 B CB  1 
HETATM 182 C CG  . TA4 B 1 8  ? -4.779  7.408   -14.636 1.00 62.15 ? 9  TA4 B CG  1 
HETATM 183 C CD2 . TA4 B 1 8  ? -4.369  6.043   -15.181 1.00 60.71 ? 9  TA4 B CD2 1 
HETATM 184 C CD1 . TA4 B 1 8  ? -6.293  7.505   -14.497 1.00 63.05 ? 9  TA4 B CD1 1 
HETATM 185 N NT1 . TA4 B 1 8  ? -1.893  7.912   -14.271 1.00 62.80 ? 9  TA4 B NT1 1 
HETATM 186 C CT5 . TA4 B 1 8  ? -1.366  6.647   -14.582 1.00 63.61 ? 9  TA4 B CT5 1 
HETATM 187 C CT4 . TA4 B 1 8  ? -0.374  6.758   -15.592 1.00 60.85 ? 9  TA4 B CT4 1 
HETATM 188 N NT3 . TA4 B 1 8  ? -0.311  8.060   -15.881 1.00 65.40 ? 9  TA4 B NT3 1 
HETATM 189 N NT2 . TA4 B 1 8  ? -1.196  8.726   -15.124 1.00 65.40 ? 9  TA4 B NT2 1 
HETATM 190 C CT6 . TA4 B 1 8  ? 0.616   5.957   -16.438 1.00 58.94 ? 9  TA4 B CT6 1 
HETATM 191 N N   . TA4 B 1 8  ? 0.576   4.528   -16.350 1.00 58.08 ? 9  TA4 B N   1 
ATOM   192 N N   . GLU B 1 9  ? -3.243  10.048  -11.456 1.00 60.27 ? 10 GLU B N   1 
ATOM   193 C CA  . GLU B 1 9  ? -2.685  10.699  -10.254 1.00 59.99 ? 10 GLU B CA  1 
ATOM   194 C C   . GLU B 1 9  ? -2.982  9.973   -8.959  1.00 57.84 ? 10 GLU B C   1 
ATOM   195 O O   . GLU B 1 9  ? -2.105  9.777   -8.155  1.00 57.24 ? 10 GLU B O   1 
ATOM   196 C CB  . GLU B 1 9  ? -3.161  12.166  -10.118 1.00 61.39 ? 10 GLU B CB  1 
ATOM   197 C CG  . GLU B 1 9  ? -2.724  13.141  -11.235 1.00 66.14 ? 10 GLU B CG  1 
ATOM   198 C CD  . GLU B 1 9  ? -3.812  14.180  -11.662 1.00 71.91 ? 10 GLU B CD  1 
ATOM   199 O OE1 . GLU B 1 9  ? -4.294  14.098  -12.840 1.00 75.70 ? 10 GLU B OE1 1 
ATOM   200 O OE2 . GLU B 1 9  ? -4.186  15.080  -10.843 1.00 73.71 ? 10 GLU B OE2 1 
ATOM   201 N N   . GLU B 1 10 ? -4.224  9.589   -8.735  1.00 55.41 ? 11 GLU B N   1 
ATOM   202 C CA  . GLU B 1 10 ? -4.613  8.934   -7.472  1.00 53.72 ? 11 GLU B CA  1 
ATOM   203 C C   . GLU B 1 10 ? -4.150  7.438   -7.440  1.00 50.56 ? 11 GLU B C   1 
ATOM   204 O O   . GLU B 1 10 ? -3.846  6.894   -6.391  1.00 49.73 ? 11 GLU B O   1 
ATOM   205 C CB  . GLU B 1 10 ? -6.144  9.146   -7.286  1.00 54.79 ? 11 GLU B CB  1 
ATOM   206 C CG  . GLU B 1 10 ? -6.880  8.558   -6.072  1.00 57.73 ? 11 GLU B CG  1 
ATOM   207 C CD  . GLU B 1 10 ? -8.429  8.569   -6.260  1.00 63.07 ? 11 GLU B CD  1 
ATOM   208 O OE1 . GLU B 1 10 ? -8.950  8.611   -7.426  1.00 67.77 ? 11 GLU B OE1 1 
ATOM   209 O OE2 . GLU B 1 10 ? -9.153  8.519   -5.234  1.00 67.74 ? 11 GLU B OE2 1 
ATOM   210 N N   . ILE B 1 11 ? -4.069  6.798   -8.597  1.00 46.96 ? 12 ILE B N   1 
ATOM   211 C CA  . ILE B 1 11 ? -3.449  5.488   -8.708  1.00 45.07 ? 12 ILE B CA  1 
ATOM   212 C C   . ILE B 1 11 ? -1.941  5.586   -8.409  1.00 43.55 ? 12 ILE B C   1 
ATOM   213 O O   . ILE B 1 11 ? -1.425  4.885   -7.547  1.00 43.16 ? 12 ILE B O   1 
ATOM   214 C CB  . ILE B 1 11 ? -3.752  4.902   -10.106 1.00 44.72 ? 12 ILE B CB  1 
ATOM   215 C CG1 . ILE B 1 11 ? -5.238  4.445   -10.143 1.00 44.41 ? 12 ILE B CG1 1 
ATOM   216 C CG2 . ILE B 1 11 ? -2.854  3.754   -10.416 1.00 44.35 ? 12 ILE B CG2 1 
ATOM   217 C CD1 . ILE B 1 11 ? -5.760  3.899   -11.468 1.00 42.97 ? 12 ILE B CD1 1 
ATOM   218 N N   . LEU B 1 12 ? -1.251  6.509   -9.043  1.00 42.54 ? 13 LEU B N   1 
ATOM   219 C CA  . LEU B 1 12 ? 0.161   6.651   -8.784  1.00 42.53 ? 13 LEU B CA  1 
ATOM   220 C C   . LEU B 1 12 ? 0.536   6.957   -7.358  1.00 42.15 ? 13 LEU B C   1 
ATOM   221 O O   . LEU B 1 12 ? 1.501   6.415   -6.867  1.00 42.06 ? 13 LEU B O   1 
ATOM   222 C CB  . LEU B 1 12 ? 0.795   7.658   -9.715  1.00 42.95 ? 13 LEU B CB  1 
ATOM   223 C CG  . LEU B 1 12 ? 0.765   7.158   -11.153 1.00 45.03 ? 13 LEU B CG  1 
ATOM   224 C CD1 . LEU B 1 12 ? 1.035   8.326   -12.069 1.00 47.70 ? 13 LEU B CD1 1 
ATOM   225 C CD2 . LEU B 1 12 ? 1.756   6.059   -11.410 1.00 45.51 ? 13 LEU B CD2 1 
ATOM   226 N N   . SER B 1 13 ? -0.230  7.792   -6.671  1.00 42.17 ? 14 SER B N   1 
ATOM   227 C CA  . SER B 1 13 ? 0.057   8.121   -5.276  1.00 42.06 ? 14 SER B CA  1 
ATOM   228 C C   . SER B 1 13 ? -0.097  6.985   -4.343  1.00 41.21 ? 14 SER B C   1 
ATOM   229 O O   . SER B 1 13 ? 0.600   6.873   -3.376  1.00 42.40 ? 14 SER B O   1 
ATOM   230 C CB  . SER B 1 13 ? -0.877  9.212   -4.797  1.00 42.78 ? 14 SER B CB  1 
ATOM   231 O OG  . SER B 1 13 ? -0.638  9.488   -3.429  1.00 48.23 ? 14 SER B OG  1 
ATOM   232 N N   . LYS B 1 14 ? -1.079  6.180   -4.582  1.00 41.12 ? 15 LYS B N   1 
ATOM   233 C CA  . LYS B 1 14 ? -1.311  4.977   -3.798  1.00 42.08 ? 15 LYS B CA  1 
ATOM   234 C C   . LYS B 1 14 ? -0.255  3.905   -4.069  1.00 40.69 ? 15 LYS B C   1 
ATOM   235 O O   . LYS B 1 14 ? 0.057   3.125   -3.177  1.00 42.38 ? 15 LYS B O   1 
ATOM   236 C CB  . LYS B 1 14 ? -2.702  4.430   -4.168  1.00 43.00 ? 15 LYS B CB  1 
ATOM   237 C CG  . LYS B 1 14 ? -3.452  3.697   -3.075  1.00 47.86 ? 15 LYS B CG  1 
ATOM   238 C CD  . LYS B 1 14 ? -4.973  4.046   -3.124  1.00 53.89 ? 15 LYS B CD  1 
ATOM   239 C CE  . LYS B 1 14 ? -5.516  4.852   -1.891  1.00 56.51 ? 15 LYS B CE  1 
ATOM   240 N NZ  . LYS B 1 14 ? -4.637  5.936   -1.296  1.00 62.10 ? 15 LYS B NZ  1 
ATOM   241 N N   . LEU B 1 15 ? 0.266   3.836   -5.295  1.00 39.08 ? 16 LEU B N   1 
ATOM   242 C CA  . LEU B 1 15 ? 1.397   2.961   -5.614  1.00 37.71 ? 16 LEU B CA  1 
ATOM   243 C C   . LEU B 1 15 ? 2.608   3.391   -4.820  1.00 37.64 ? 16 LEU B C   1 
ATOM   244 O O   . LEU B 1 15 ? 3.216   2.587   -4.148  1.00 38.16 ? 16 LEU B O   1 
ATOM   245 C CB  . LEU B 1 15 ? 1.705   2.952   -7.105  1.00 37.36 ? 16 LEU B CB  1 
ATOM   246 C CG  . LEU B 1 15 ? 0.732   2.068   -7.910  1.00 36.46 ? 16 LEU B CG  1 
ATOM   247 C CD1 . LEU B 1 15 ? 0.788   2.370   -9.365  1.00 37.48 ? 16 LEU B CD1 1 
ATOM   248 C CD2 . LEU B 1 15 ? 0.944   0.568   -7.788  1.00 36.66 ? 16 LEU B CD2 1 
ATOM   249 N N   . TYR B 1 16 ? 2.942   4.670   -4.834  1.00 37.72 ? 17 TYR B N   1 
ATOM   250 C CA  . TYR B 1 16 ? 4.021   5.199   -3.983  1.00 37.87 ? 17 TYR B CA  1 
ATOM   251 C C   . TYR B 1 16 ? 3.809   4.959   -2.514  1.00 38.25 ? 17 TYR B C   1 
ATOM   252 O O   . TYR B 1 16 ? 4.736   4.657   -1.796  1.00 38.51 ? 17 TYR B O   1 
ATOM   253 C CB  . TYR B 1 16 ? 4.202   6.694   -4.162  1.00 38.48 ? 17 TYR B CB  1 
ATOM   254 C CG  . TYR B 1 16 ? 4.709   7.095   -5.501  1.00 37.18 ? 17 TYR B CG  1 
ATOM   255 C CD1 . TYR B 1 16 ? 3.967   7.902   -6.288  1.00 38.21 ? 17 TYR B CD1 1 
ATOM   256 C CD2 . TYR B 1 16 ? 5.953   6.695   -5.952  1.00 38.68 ? 17 TYR B CD2 1 
ATOM   257 C CE1 . TYR B 1 16 ? 4.429   8.304   -7.524  1.00 40.01 ? 17 TYR B CE1 1 
ATOM   258 C CE2 . TYR B 1 16 ? 6.430   7.088   -7.190  1.00 38.21 ? 17 TYR B CE2 1 
ATOM   259 C CZ  . TYR B 1 16 ? 5.654   7.880   -7.959  1.00 39.94 ? 17 TYR B CZ  1 
ATOM   260 O OH  . TYR B 1 16 ? 6.075   8.325   -9.192  1.00 49.14 ? 17 TYR B OH  1 
ATOM   261 N N   . HIS B 1 17 ? 2.593   5.150   -2.051  1.00 39.28 ? 18 HIS B N   1 
ATOM   262 C CA  . HIS B 1 17 ? 2.242   4.850   -0.665  1.00 39.78 ? 18 HIS B CA  1 
ATOM   263 C C   . HIS B 1 17 ? 2.498   3.417   -0.285  1.00 39.40 ? 18 HIS B C   1 
ATOM   264 O O   . HIS B 1 17 ? 3.047   3.100   0.781   1.00 40.88 ? 18 HIS B O   1 
ATOM   265 C CB  . HIS B 1 17 ? 0.770   5.129   -0.488  1.00 41.27 ? 18 HIS B CB  1 
ATOM   266 C CG  . HIS B 1 17 ? 0.337   5.095   0.930   1.00 44.64 ? 18 HIS B CG  1 
ATOM   267 N ND1 . HIS B 1 17 ? -0.736  5.817   1.380   1.00 50.65 ? 18 HIS B ND1 1 
ATOM   268 C CD2 . HIS B 1 17 ? 0.899   4.527   2.021   1.00 49.82 ? 18 HIS B CD2 1 
ATOM   269 C CE1 . HIS B 1 17 ? -0.854  5.639   2.683   1.00 51.48 ? 18 HIS B CE1 1 
ATOM   270 N NE2 . HIS B 1 17 ? 0.124   4.856   3.093   1.00 48.74 ? 18 HIS B NE2 1 
ATOM   271 N N   . ILE B 1 18 ? 2.098   2.526   -1.170  1.00 39.34 ? 19 ILE B N   1 
ATOM   272 C CA  . ILE B 1 18 ? 2.355   1.114   -0.976  1.00 38.80 ? 19 ILE B CA  1 
ATOM   273 C C   . ILE B 1 18 ? 3.853   0.844   -0.911  1.00 39.03 ? 19 ILE B C   1 
ATOM   274 O O   . ILE B 1 18 ? 4.309   0.137   -0.036  1.00 40.64 ? 19 ILE B O   1 
ATOM   275 C CB  . ILE B 1 18 ? 1.647   0.274   -2.088  1.00 37.93 ? 19 ILE B CB  1 
ATOM   276 C CG1 . ILE B 1 18 ? 0.144   0.229   -1.823  1.00 38.90 ? 19 ILE B CG1 1 
ATOM   277 C CG2 . ILE B 1 18 ? 2.148   -1.086  -2.094  1.00 36.40 ? 19 ILE B CG2 1 
ATOM   278 C CD1 . ILE B 1 18 ? -0.681  -0.031  -3.002  1.00 38.45 ? 19 ILE B CD1 1 
ATOM   279 N N   . GLU B 1 19 ? 4.612   1.382   -1.850  1.00 39.01 ? 20 GLU B N   1 
ATOM   280 C CA  . GLU B 1 19 ? 6.076   1.280   -1.822  1.00 38.38 ? 20 GLU B CA  1 
ATOM   281 C C   . GLU B 1 19 ? 6.670   1.759   -0.512  1.00 38.60 ? 20 GLU B C   1 
ATOM   282 O O   . GLU B 1 19 ? 7.546   1.133   0.077   1.00 38.80 ? 20 GLU B O   1 
ATOM   283 C CB  . GLU B 1 19 ? 6.647   2.056   -3.001  1.00 37.85 ? 20 GLU B CB  1 
ATOM   284 C CG  . GLU B 1 19 ? 6.439   1.274   -4.264  1.00 38.11 ? 20 GLU B CG  1 
ATOM   285 C CD  . GLU B 1 19 ? 7.029   1.941   -5.457  1.00 42.39 ? 20 GLU B CD  1 
ATOM   286 O OE1 . GLU B 1 19 ? 7.236   1.263   -6.462  1.00 45.95 ? 20 GLU B OE1 1 
ATOM   287 O OE2 . GLU B 1 19 ? 7.286   3.140   -5.392  1.00 45.88 ? 20 GLU B OE2 1 
ATOM   288 N N   . ASN B 1 20 ? 6.196   2.884   -0.043  1.00 39.84 ? 21 ASN B N   1 
ATOM   289 C CA  . ASN B 1 20 ? 6.629   3.368   1.245   1.00 40.34 ? 21 ASN B CA  1 
ATOM   290 C C   . ASN B 1 20 ? 6.232   2.470   2.437   1.00 42.57 ? 21 ASN B C   1 
ATOM   291 O O   . ASN B 1 20 ? 7.041   2.271   3.346   1.00 44.19 ? 21 ASN B O   1 
ATOM   292 C CB  . ASN B 1 20 ? 6.041   4.726   1.448   1.00 39.63 ? 21 ASN B CB  1 
ATOM   293 C CG  . ASN B 1 20 ? 6.528   5.706   0.470   1.00 38.34 ? 21 ASN B CG  1 
ATOM   294 O OD1 . ASN B 1 20 ? 5.899   6.744   0.267   1.00 38.79 ? 21 ASN B OD1 1 
ATOM   295 N ND2 . ASN B 1 20 ? 7.681   5.448   -0.099  1.00 32.16 ? 21 ASN B ND2 1 
ATOM   296 N N   . GLU B 1 21 ? 5.006   1.942   2.456   1.00 43.61 ? 22 GLU B N   1 
ATOM   297 C CA  . GLU B 1 21 ? 4.657   0.928   3.454   1.00 44.63 ? 22 GLU B CA  1 
ATOM   298 C C   . GLU B 1 21 ? 5.577   -0.240  3.380   1.00 44.66 ? 22 GLU B C   1 
ATOM   299 O O   . GLU B 1 21 ? 6.072   -0.679  4.386   1.00 45.60 ? 22 GLU B O   1 
ATOM   300 C CB  . GLU B 1 21 ? 3.252   0.401   3.258   1.00 45.77 ? 22 GLU B CB  1 
ATOM   301 C CG  . GLU B 1 21 ? 2.203   1.419   3.632   1.00 49.10 ? 22 GLU B CG  1 
ATOM   302 C CD  . GLU B 1 21 ? 0.777   0.999   3.298   1.00 53.00 ? 22 GLU B CD  1 
ATOM   303 O OE1 . GLU B 1 21 ? 0.031   0.751   4.254   1.00 57.31 ? 22 GLU B OE1 1 
ATOM   304 O OE2 . GLU B 1 21 ? 0.377   0.953   2.106   1.00 54.75 ? 22 GLU B OE2 1 
ATOM   305 N N   . LEU B 1 22 ? 5.815   -0.766  2.194   1.00 44.75 ? 23 LEU B N   1 
ATOM   306 C CA  . LEU B 1 22 ? 6.800   -1.822  2.061   1.00 45.72 ? 23 LEU B CA  1 
ATOM   307 C C   . LEU B 1 22 ? 8.189   -1.435  2.473   1.00 47.19 ? 23 LEU B C   1 
ATOM   308 O O   . LEU B 1 22 ? 8.954   -2.314  2.826   1.00 47.71 ? 23 LEU B O   1 
ATOM   309 C CB  . LEU B 1 22 ? 6.907   -2.311  0.646   1.00 45.71 ? 23 LEU B CB  1 
ATOM   310 C CG  . LEU B 1 22 ? 5.669   -3.092  0.250   1.00 47.24 ? 23 LEU B CG  1 
ATOM   311 C CD1 . LEU B 1 22 ? 5.649   -3.133  -1.207  1.00 47.36 ? 23 LEU B CD1 1 
ATOM   312 C CD2 . LEU B 1 22 ? 5.684   -4.493  0.786   1.00 48.27 ? 23 LEU B CD2 1 
ATOM   313 N N   . ALA B 1 23 ? 8.547   -0.153  2.372   1.00 48.90 ? 24 ALA B N   1 
ATOM   314 C CA  . ALA B 1 23 ? 9.874   0.299   2.812   1.00 49.59 ? 24 ALA B CA  1 
ATOM   315 C C   . ALA B 1 23 ? 9.907   0.305   4.325   1.00 50.81 ? 24 ALA B C   1 
ATOM   316 O O   . ALA B 1 23 ? 10.833  -0.205  4.889   1.00 49.80 ? 24 ALA B O   1 
ATOM   317 C CB  . ALA B 1 23 ? 10.214  1.632   2.262   1.00 49.21 ? 24 ALA B CB  1 
ATOM   318 N N   . ARG B 1 24 ? 8.874   0.834   4.968   1.00 53.56 ? 25 ARG B N   1 
ATOM   319 C CA  . ARG B 1 24 ? 8.733   0.731   6.427   1.00 55.85 ? 25 ARG B CA  1 
ATOM   320 C C   . ARG B 1 24 ? 8.735   -0.724  6.899   1.00 56.69 ? 25 ARG B C   1 
ATOM   321 O O   . ARG B 1 24 ? 9.462   -1.035  7.823   1.00 58.18 ? 25 ARG B O   1 
ATOM   322 C CB  . ARG B 1 24 ? 7.506   1.481   6.948   1.00 56.78 ? 25 ARG B CB  1 
ATOM   323 C CG  . ARG B 1 24 ? 7.497   3.012   6.571   1.00 61.11 ? 25 ARG B CG  1 
ATOM   324 C CD  . ARG B 1 24 ? 6.073   3.649   6.429   1.00 65.28 ? 25 ARG B CD  1 
ATOM   325 N NE  . ARG B 1 24 ? 5.852   4.766   5.479   1.00 68.10 ? 25 ARG B NE  1 
ATOM   326 C CZ  . ARG B 1 24 ? 4.605   5.159   5.139   1.00 71.79 ? 25 ARG B CZ  1 
ATOM   327 N NH1 . ARG B 1 24 ? 4.372   6.156   4.291   1.00 71.98 ? 25 ARG B NH1 1 
ATOM   328 N NH2 . ARG B 1 24 ? 3.551   4.524   5.670   1.00 72.81 ? 25 ARG B NH2 1 
ATOM   329 N N   . ILE B 1 25 ? 7.979   -1.625  6.276   1.00 57.20 ? 26 ILE B N   1 
ATOM   330 C CA  . ILE B 1 25 ? 8.102   -3.078  6.588   1.00 57.00 ? 26 ILE B CA  1 
ATOM   331 C C   . ILE B 1 25 ? 9.500   -3.659  6.368   1.00 58.00 ? 26 ILE B C   1 
ATOM   332 O O   . ILE B 1 25 ? 9.965   -4.424  7.189   1.00 58.26 ? 26 ILE B O   1 
ATOM   333 C CB  . ILE B 1 25 ? 7.082   -3.916  5.794   1.00 56.39 ? 26 ILE B CB  1 
ATOM   334 C CG1 . ILE B 1 25 ? 5.689   -3.645  6.331   1.00 56.04 ? 26 ILE B CG1 1 
ATOM   335 C CG2 . ILE B 1 25 ? 7.390   -5.411  5.895   1.00 55.28 ? 26 ILE B CG2 1 
ATOM   336 C CD1 . ILE B 1 25 ? 4.581   -3.834  5.335   1.00 56.23 ? 26 ILE B CD1 1 
ATOM   337 N N   . LYS B 1 26 ? 10.156  -3.345  5.261   1.00 59.67 ? 27 LYS B N   1 
ATOM   338 C CA  . LYS B 1 26 ? 11.489  -3.912  4.998   1.00 61.26 ? 27 LYS B CA  1 
ATOM   339 C C   . LYS B 1 26 ? 12.365  -3.669  6.246   1.00 62.38 ? 27 LYS B C   1 
ATOM   340 O O   . LYS B 1 26 ? 13.071  -4.576  6.692   1.00 62.96 ? 27 LYS B O   1 
ATOM   341 C CB  . LYS B 1 26 ? 12.184  -3.290  3.750   1.00 61.48 ? 27 LYS B CB  1 
ATOM   342 C CG  . LYS B 1 26 ? 11.725  -3.735  2.328   1.00 61.86 ? 27 LYS B CG  1 
ATOM   343 N N   . LYS B 1 27 ? 12.267  -2.447  6.799   1.00 63.24 ? 28 LYS B N   1 
ATOM   344 C CA  . LYS B 1 27 ? 13.116  -1.935  7.906   1.00 63.73 ? 28 LYS B CA  1 
ATOM   345 C C   . LYS B 1 27 ? 12.860  -2.679  9.197   1.00 64.16 ? 28 LYS B C   1 
ATOM   346 O O   . LYS B 1 27 ? 13.799  -3.159  9.838   1.00 65.01 ? 28 LYS B O   1 
ATOM   347 C CB  . LYS B 1 27 ? 12.876  -0.431  8.140   1.00 63.65 ? 28 LYS B CB  1 
ATOM   348 N N   . LEU B 1 28 ? 11.587  -2.757  9.570   1.00 64.21 ? 29 LEU B N   1 
ATOM   349 C CA  . LEU B 1 28 ? 11.162  -3.552  10.707  1.00 64.43 ? 29 LEU B CA  1 
ATOM   350 C C   . LEU B 1 28 ? 11.793  -4.911  10.530  1.00 64.61 ? 29 LEU B C   1 
ATOM   351 O O   . LEU B 1 28 ? 12.777  -5.235  11.186  1.00 65.32 ? 29 LEU B O   1 
ATOM   352 C CB  . LEU B 1 28 ? 9.642   -3.626  10.807  1.00 64.41 ? 29 LEU B CB  1 
ATOM   353 C CG  . LEU B 1 28 ? 8.912   -2.266  10.898  1.00 65.47 ? 29 LEU B CG  1 
ATOM   354 C CD1 . LEU B 1 28 ? 7.425   -2.386  10.539  1.00 66.04 ? 29 LEU B CD1 1 
ATOM   355 C CD2 . LEU B 1 28 ? 9.061   -1.554  12.255  1.00 66.30 ? 29 LEU B CD2 1 
ATOM   356 N N   . LEU B 1 29 ? 11.326  -5.698  9.596   1.00 64.53 ? 30 LEU B N   1 
ATOM   357 C CA  . LEU B 1 29 ? 12.086  -6.898  9.326   1.00 64.74 ? 30 LEU B CA  1 
ATOM   358 C C   . LEU B 1 29 ? 13.567  -6.481  9.409   1.00 65.14 ? 30 LEU B C   1 
ATOM   359 O O   . LEU B 1 29 ? 14.469  -7.231  9.048   1.00 66.19 ? 30 LEU B O   1 
ATOM   360 C CB  . LEU B 1 29 ? 11.705  -7.493  7.962   1.00 64.60 ? 30 LEU B CB  1 
ATOM   361 C CG  . LEU B 1 29 ? 10.188  -7.672  7.845   1.00 63.30 ? 30 LEU B CG  1 
ATOM   362 C CD1 . LEU B 1 29 ? 9.765   -8.096  6.481   1.00 62.48 ? 30 LEU B CD1 1 
ATOM   363 C CD2 . LEU B 1 29 ? 9.686   -8.652  8.898   1.00 63.30 ? 30 LEU B CD2 1 
HETATM 364 S S   . SO4 C 2 .  ? 8.872   7.905   -11.169 0.33 55.58 ? 1  SO4 B S   1 
HETATM 365 O O1  . SO4 C 2 .  ? 10.241  8.368   -11.000 0.33 53.86 ? 1  SO4 B O1  1 
HETATM 366 O O2  . SO4 C 2 .  ? 8.046   9.004   -11.660 0.33 53.84 ? 1  SO4 B O2  1 
HETATM 367 O O3  . SO4 C 2 .  ? 8.358   7.437   -9.893  0.33 53.82 ? 1  SO4 B O3  1 
HETATM 368 O O4  . SO4 C 2 .  ? 8.846   6.818   -12.133 0.33 53.80 ? 1  SO4 B O4  1 
HETATM 369 O O   . HOH D 3 .  ? -7.390  -10.938 -0.814  1.00 59.84 ? 34 HOH A O   1 
HETATM 370 O O   . HOH D 3 .  ? -11.886 -5.134  -5.536  1.00 47.55 ? 35 HOH A O   1 
HETATM 371 O O   . HOH D 3 .  ? -10.892 -8.706  -12.823 1.00 44.61 ? 36 HOH A O   1 
HETATM 372 O O   . HOH D 3 .  ? -6.689  -13.042 -0.766  1.00 60.51 ? 37 HOH A O   1 
HETATM 373 O O   . HOH D 3 .  ? -13.093 -9.224  -13.636 0.33 66.14 ? 38 HOH A O   1 
HETATM 374 O O   . HOH D 3 .  ? -9.981  -3.672  2.663   1.00 54.10 ? 39 HOH A O   1 
HETATM 375 O O   . HOH D 3 .  ? -6.041  -7.373  5.894   1.00 74.68 ? 40 HOH A O   1 
HETATM 376 O O   . HOH D 3 .  ? -11.476 -5.075  2.116   1.00 64.94 ? 41 HOH A O   1 
HETATM 377 O O   . HOH D 3 .  ? -10.926 0.892   -19.863 1.00 80.60 ? 42 HOH A O   1 
HETATM 378 O O   . HOH E 3 .  ? 9.182   3.859   -1.360  1.00 53.36 ? 34 HOH B O   1 
HETATM 379 O O   . HOH E 3 .  ? -2.601  7.476   -0.684  1.00 51.64 ? 35 HOH B O   1 
HETATM 380 O O   . HOH E 3 .  ? 15.274  -3.956  12.690  1.00 75.28 ? 36 HOH B O   1 
HETATM 381 O O   . HOH E 3 .  ? 9.160   4.399   -7.445  1.00 53.06 ? 37 HOH B O   1 
HETATM 382 O O   . HOH E 3 .  ? 14.496  -7.013  13.778  1.00 70.56 ? 38 HOH B O   1 
HETATM 383 O O   . HOH E 3 .  ? 2.721   7.788   3.969   1.00 57.91 ? 39 HOH B O   1 
HETATM 384 O O   . HOH E 3 .  ? -7.488  7.665   0.600   1.00 46.88 ? 40 HOH B O   1 
HETATM 385 O O   . HOH E 3 .  ? 9.398   1.850   -8.660  1.00 58.38 ? 41 HOH B O   1 
HETATM 386 O O   . HOH E 3 .  ? 3.209   1.912   7.109   1.00 74.71 ? 42 HOH B O   1 
HETATM 387 O O   . HOH E 3 .  ? -1.567  7.195   -21.760 1.00 83.12 ? 43 HOH B O   1 
# 
